data_3DU4
#
_entry.id   3DU4
#
_cell.length_a   57.692
_cell.length_b   105.133
_cell.length_c   75.063
_cell.angle_alpha   90.00
_cell.angle_beta   105.19
_cell.angle_gamma   90.00
#
_symmetry.space_group_name_H-M   'P 1 21 1'
#
loop_
_entity.id
_entity.type
_entity.pdbx_description
1 polymer 'Adenosylmethionine-8-amino-7-oxononanoate aminotransferase'
2 non-polymer "PYRIDOXAL-5'-PHOSPHATE"
3 non-polymer '7-KETO-8-AMINOPELARGONIC ACID'
4 water water
#
_entity_poly.entity_id   1
_entity_poly.type   'polypeptide(L)'
_entity_poly.pdbx_seq_one_letter_code
;MTHDLIEKSKKHLWLPFTQMKDYDENPLIIESGTGIKVKDINGKEYYDGFSSVWLNVHGHRKKELDDAIKKQLGKIAHST
LLGMTNVPATQLAETLIDISPKKLTRVFYSDSGAEAMEIALKMAFQYWKNIGKPEKQKFIAMKNGYHGDTIGAVSVGSIE
LFHHVYGPLMFESYKAPIPYVYRSESGDPDECRDQ(CSX)LRELAQLLEEHHEEIAALSIESMVQGASGMIVMPEGYLAG
VRELCTTYDVLMIVDEVATGFGRTGKMFACEHENVQPDLMAAGKGITGGYLPIAVTFATEDIYKAFYDDYENLKTFFHGH
SYTGNQLGCAVALENLALFESENIVEQVAEKSKKLHFLLQDLHALPHVGDIRQLGFMCGAELVRSKETKEPYPADRRIGY
KVSLKMRELGMLTRPLGDVIAFLPPLASTAEELSEMVAIMKQAIHEVTSLED
;
_entity_poly.pdbx_strand_id   A,B
#
loop_
_chem_comp.id
_chem_comp.type
_chem_comp.name
_chem_comp.formula
KAP non-polymer '7-KETO-8-AMINOPELARGONIC ACID' 'C9 H17 N O3'
PLP non-polymer PYRIDOXAL-5'-PHOSPHATE 'C8 H10 N O6 P'
#
# COMPACT_ATOMS: atom_id res chain seq x y z
N MET A 1 -4.46 -12.02 -30.34
CA MET A 1 -5.69 -12.85 -30.19
C MET A 1 -6.38 -12.71 -28.82
N THR A 2 -7.69 -12.55 -28.87
CA THR A 2 -8.52 -12.45 -27.70
C THR A 2 -8.46 -13.73 -26.87
N HIS A 3 -8.67 -14.86 -27.52
CA HIS A 3 -8.79 -16.15 -26.82
C HIS A 3 -7.57 -16.55 -25.99
N ASP A 4 -6.37 -16.15 -26.41
CA ASP A 4 -5.18 -16.55 -25.65
C ASP A 4 -4.75 -15.55 -24.56
N LEU A 5 -5.04 -14.28 -24.74
CA LEU A 5 -4.91 -13.31 -23.65
C LEU A 5 -5.86 -13.80 -22.56
N ILE A 6 -7.04 -14.26 -22.97
CA ILE A 6 -8.00 -14.80 -22.03
C ILE A 6 -7.52 -16.04 -21.29
N GLU A 7 -6.75 -16.89 -21.98
CA GLU A 7 -6.26 -18.12 -21.38
C GLU A 7 -5.01 -17.87 -20.54
N LYS A 8 -4.27 -16.83 -20.90
CA LYS A 8 -3.15 -16.36 -20.08
C LYS A 8 -3.64 -15.81 -18.73
N SER A 9 -4.78 -15.13 -18.75
CA SER A 9 -5.30 -14.51 -17.55
C SER A 9 -5.76 -15.59 -16.56
N LYS A 10 -6.33 -16.68 -17.09
CA LYS A 10 -6.78 -17.82 -16.27
C LYS A 10 -5.62 -18.63 -15.71
N LYS A 11 -4.45 -18.50 -16.34
CA LYS A 11 -3.26 -19.29 -16.07
C LYS A 11 -2.28 -18.63 -15.08
N HIS A 12 -2.07 -17.32 -15.22
CA HIS A 12 -1.04 -16.64 -14.42
C HIS A 12 -1.50 -15.62 -13.39
N LEU A 13 -2.78 -15.25 -13.39
CA LEU A 13 -3.30 -14.22 -12.48
C LEU A 13 -4.01 -14.82 -11.27
N TRP A 14 -3.94 -14.13 -10.14
CA TRP A 14 -4.74 -14.43 -8.97
C TRP A 14 -5.37 -13.09 -8.60
N LEU A 15 -6.68 -12.95 -8.74
CA LEU A 15 -7.29 -11.64 -8.63
C LEU A 15 -7.76 -11.31 -7.21
N PRO A 16 -7.89 -10.00 -6.90
CA PRO A 16 -8.32 -9.42 -5.62
C PRO A 16 -9.81 -9.64 -5.34
N PHE A 17 -10.15 -10.03 -4.12
CA PHE A 17 -11.57 -10.25 -3.78
C PHE A 17 -12.35 -11.07 -4.82
N THR A 18 -11.69 -12.01 -5.49
CA THR A 18 -12.38 -12.84 -6.45
C THR A 18 -12.13 -14.34 -6.29
N GLN A 19 -13.23 -15.11 -6.30
CA GLN A 19 -13.14 -16.56 -6.44
C GLN A 19 -12.77 -16.76 -7.89
N MET A 20 -11.58 -17.33 -8.12
CA MET A 20 -11.03 -17.44 -9.47
C MET A 20 -11.83 -18.41 -10.33
N LYS A 21 -12.61 -19.28 -9.69
CA LYS A 21 -13.52 -20.17 -10.40
C LYS A 21 -14.65 -19.38 -11.06
N ASP A 22 -15.13 -18.35 -10.36
CA ASP A 22 -16.11 -17.38 -10.93
C ASP A 22 -15.51 -16.59 -12.06
N TYR A 23 -14.25 -16.18 -11.89
CA TYR A 23 -13.57 -15.44 -12.94
C TYR A 23 -13.44 -16.34 -14.16
N ASP A 24 -12.89 -17.54 -13.98
CA ASP A 24 -12.71 -18.46 -15.11
C ASP A 24 -13.99 -18.70 -15.92
N GLU A 25 -15.10 -18.94 -15.22
CA GLU A 25 -16.39 -19.13 -15.87
C GLU A 25 -16.84 -17.91 -16.68
N ASN A 26 -16.47 -16.71 -16.23
CA ASN A 26 -16.97 -15.48 -16.83
C ASN A 26 -15.90 -14.42 -16.90
N PRO A 27 -14.87 -14.65 -17.74
CA PRO A 27 -13.71 -13.78 -17.85
C PRO A 27 -14.07 -12.45 -18.51
N LEU A 28 -13.32 -11.39 -18.17
CA LEU A 28 -13.55 -10.05 -18.70
C LEU A 28 -12.25 -9.24 -18.65
N ILE A 29 -11.76 -8.87 -19.84
CA ILE A 29 -10.50 -8.16 -19.96
C ILE A 29 -10.72 -6.77 -20.58
N ILE A 30 -10.50 -5.70 -19.81
CA ILE A 30 -10.68 -4.32 -20.30
C ILE A 30 -9.47 -3.73 -21.08
N GLU A 31 -9.76 -3.02 -22.17
CA GLU A 31 -8.73 -2.52 -23.11
C GLU A 31 -8.51 -0.99 -23.12
N SER A 32 -9.59 -0.23 -23.05
CA SER A 32 -9.53 1.21 -23.11
C SER A 32 -10.75 1.77 -22.38
N GLY A 33 -10.78 3.08 -22.17
CA GLY A 33 -11.97 3.78 -21.70
C GLY A 33 -12.06 5.17 -22.31
N THR A 34 -13.28 5.66 -22.46
CA THR A 34 -13.54 6.99 -23.03
C THR A 34 -14.69 7.55 -22.23
N GLY A 35 -14.49 8.71 -21.62
CA GLY A 35 -15.50 9.26 -20.73
C GLY A 35 -15.88 8.23 -19.66
N ILE A 36 -17.18 8.03 -19.46
CA ILE A 36 -17.59 7.13 -18.38
C ILE A 36 -17.83 5.69 -18.83
N LYS A 37 -17.32 5.35 -20.02
CA LYS A 37 -17.44 3.98 -20.50
C LYS A 37 -16.07 3.32 -20.70
N VAL A 38 -15.99 2.02 -20.39
CA VAL A 38 -14.80 1.22 -20.67
C VAL A 38 -15.13 0.15 -21.71
N LYS A 39 -14.11 -0.34 -22.42
CA LYS A 39 -14.31 -1.24 -23.56
C LYS A 39 -13.43 -2.47 -23.41
N ASP A 40 -13.99 -3.67 -23.59
CA ASP A 40 -13.20 -4.89 -23.49
C ASP A 40 -12.47 -5.27 -24.79
N ILE A 41 -11.70 -6.34 -24.78
CA ILE A 41 -10.89 -6.69 -25.93
C ILE A 41 -11.71 -7.21 -27.14
N ASN A 42 -12.99 -7.50 -26.90
CA ASN A 42 -13.87 -7.88 -28.00
C ASN A 42 -14.59 -6.66 -28.53
N GLY A 43 -14.28 -5.48 -27.98
CA GLY A 43 -14.89 -4.23 -28.45
C GLY A 43 -16.22 -3.84 -27.79
N LYS A 44 -16.69 -4.66 -26.86
CA LYS A 44 -17.93 -4.35 -26.12
C LYS A 44 -17.78 -3.22 -25.08
N GLU A 45 -18.75 -2.30 -25.06
CA GLU A 45 -18.68 -1.12 -24.20
C GLU A 45 -19.56 -1.24 -22.97
N TYR A 46 -19.08 -0.69 -21.85
CA TYR A 46 -19.81 -0.79 -20.59
C TYR A 46 -19.82 0.56 -19.90
N TYR A 47 -20.95 0.95 -19.31
CA TYR A 47 -20.97 2.07 -18.38
C TYR A 47 -20.16 1.69 -17.17
N ASP A 48 -19.36 2.63 -16.68
CA ASP A 48 -18.58 2.42 -15.47
C ASP A 48 -19.40 2.83 -14.24
N GLY A 49 -20.34 1.97 -13.84
CA GLY A 49 -21.31 2.35 -12.81
C GLY A 49 -20.83 2.20 -11.38
N PHE A 50 -19.64 1.63 -11.18
CA PHE A 50 -18.99 1.64 -9.88
C PHE A 50 -17.67 2.42 -9.84
N SER A 51 -17.50 3.33 -10.81
CA SER A 51 -16.32 4.19 -10.91
C SER A 51 -14.99 3.45 -10.78
N SER A 52 -14.94 2.25 -11.33
CA SER A 52 -13.77 1.35 -11.23
C SER A 52 -13.42 1.12 -9.80
N VAL A 53 -14.45 0.82 -9.01
CA VAL A 53 -14.38 0.63 -7.56
C VAL A 53 -14.11 1.93 -6.80
N TRP A 54 -14.90 2.94 -7.13
CA TRP A 54 -15.14 4.12 -6.30
C TRP A 54 -14.02 5.13 -6.36
N LEU A 55 -13.26 5.13 -7.44
CA LEU A 55 -12.09 5.97 -7.52
C LEU A 55 -12.05 6.88 -8.77
N ASN A 56 -12.77 6.49 -9.82
CA ASN A 56 -12.77 7.28 -11.04
C ASN A 56 -13.73 8.46 -10.93
N VAL A 57 -13.19 9.67 -11.11
CA VAL A 57 -13.96 10.91 -10.93
C VAL A 57 -14.47 11.49 -12.24
N HIS A 58 -13.57 11.63 -13.21
CA HIS A 58 -13.86 12.44 -14.41
C HIS A 58 -14.08 11.62 -15.67
N GLY A 59 -14.21 10.30 -15.52
CA GLY A 59 -14.15 9.42 -16.68
C GLY A 59 -12.71 9.01 -17.04
N HIS A 60 -12.60 8.26 -18.15
CA HIS A 60 -11.32 7.76 -18.58
C HIS A 60 -10.79 8.64 -19.69
N ARG A 61 -9.48 8.58 -19.91
CA ARG A 61 -8.81 9.48 -20.84
C ARG A 61 -9.25 10.91 -20.70
N LYS A 62 -9.25 11.38 -19.47
CA LYS A 62 -9.55 12.76 -19.16
C LYS A 62 -8.35 13.59 -19.60
N LYS A 63 -8.54 14.36 -20.66
CA LYS A 63 -7.44 15.13 -21.27
C LYS A 63 -6.56 15.91 -20.32
N GLU A 64 -7.15 16.70 -19.42
CA GLU A 64 -6.34 17.46 -18.48
C GLU A 64 -5.48 16.53 -17.60
N LEU A 65 -6.08 15.46 -17.10
CA LEU A 65 -5.34 14.48 -16.28
C LEU A 65 -4.21 13.84 -17.09
N ASP A 66 -4.47 13.63 -18.38
CA ASP A 66 -3.51 13.04 -19.31
C ASP A 66 -2.33 13.98 -19.49
N ASP A 67 -2.62 15.24 -19.74
CA ASP A 67 -1.60 16.23 -19.98
C ASP A 67 -0.70 16.37 -18.76
N ALA A 68 -1.31 16.38 -17.57
CA ALA A 68 -0.61 16.57 -16.31
C ALA A 68 0.48 15.54 -16.07
N ILE A 69 0.18 14.27 -16.33
CA ILE A 69 1.15 13.17 -16.19
C ILE A 69 2.26 13.23 -17.26
N LYS A 70 1.89 13.47 -18.52
CA LYS A 70 2.89 13.71 -19.59
C LYS A 70 3.86 14.83 -19.24
N LYS A 71 3.32 15.96 -18.78
CA LYS A 71 4.13 17.08 -18.33
C LYS A 71 5.09 16.67 -17.21
N GLN A 72 4.63 15.83 -16.29
CA GLN A 72 5.50 15.35 -15.17
C GLN A 72 6.59 14.35 -15.58
N LEU A 73 6.26 13.43 -16.49
CA LEU A 73 7.27 12.57 -17.07
C LEU A 73 8.47 13.38 -17.53
N GLY A 74 8.19 14.56 -18.08
CA GLY A 74 9.21 15.43 -18.67
C GLY A 74 10.11 16.11 -17.66
N LYS A 75 9.85 15.87 -16.37
CA LYS A 75 10.67 16.42 -15.29
C LYS A 75 11.26 15.28 -14.45
N ILE A 76 10.40 14.50 -13.80
CA ILE A 76 10.86 13.35 -13.04
C ILE A 76 9.64 12.57 -12.58
N ALA A 77 9.79 11.25 -12.50
CA ALA A 77 8.66 10.39 -12.19
C ALA A 77 8.61 10.07 -10.70
N HIS A 78 9.76 9.70 -10.13
CA HIS A 78 9.81 9.48 -8.69
C HIS A 78 11.17 9.77 -8.09
N SER A 79 11.19 10.72 -7.16
CA SER A 79 12.27 10.83 -6.18
C SER A 79 11.64 10.78 -4.77
N THR A 80 12.46 10.49 -3.78
CA THR A 80 11.99 10.05 -2.47
C THR A 80 11.48 11.21 -1.58
N LEU A 81 10.55 10.87 -0.69
CA LEU A 81 10.18 11.75 0.42
C LEU A 81 10.82 11.33 1.76
N LEU A 82 11.68 10.31 1.76
CA LEU A 82 12.44 9.98 2.97
C LEU A 82 13.55 11.01 3.19
N GLY A 83 13.41 11.81 4.23
CA GLY A 83 14.41 12.85 4.55
C GLY A 83 14.40 14.05 3.61
N MET A 84 13.52 14.04 2.62
CA MET A 84 13.43 15.15 1.68
C MET A 84 12.08 15.17 0.98
N THR A 85 11.87 16.12 0.07
CA THR A 85 10.62 16.14 -0.66
C THR A 85 10.81 16.47 -2.14
N ASN A 86 9.72 16.60 -2.88
CA ASN A 86 9.75 17.02 -4.28
C ASN A 86 8.70 18.10 -4.52
N VAL A 87 8.68 18.67 -5.71
CA VAL A 87 7.81 19.82 -6.03
C VAL A 87 6.29 19.53 -6.03
N PRO A 88 5.82 18.52 -6.78
CA PRO A 88 4.39 18.21 -6.77
C PRO A 88 3.83 17.67 -5.44
N ALA A 89 4.59 16.86 -4.70
CA ALA A 89 4.16 16.44 -3.36
C ALA A 89 4.02 17.63 -2.42
N THR A 90 4.86 18.64 -2.62
CA THR A 90 4.85 19.84 -1.79
C THR A 90 3.64 20.71 -2.14
N GLN A 91 3.44 20.95 -3.42
CA GLN A 91 2.30 21.73 -3.85
C GLN A 91 0.98 21.04 -3.53
N LEU A 92 0.93 19.73 -3.76
CA LEU A 92 -0.26 18.93 -3.46
C LEU A 92 -0.61 19.02 -1.96
N ALA A 93 0.41 18.89 -1.11
CA ALA A 93 0.24 19.01 0.33
C ALA A 93 -0.53 20.28 0.70
N GLU A 94 -0.09 21.43 0.22
CA GLU A 94 -0.77 22.72 0.43
C GLU A 94 -2.25 22.73 0.02
N THR A 95 -2.54 22.26 -1.18
CA THR A 95 -3.91 22.25 -1.71
C THR A 95 -4.85 21.37 -0.87
N LEU A 96 -4.32 20.23 -0.43
CA LEU A 96 -5.05 19.26 0.38
C LEU A 96 -5.42 19.82 1.73
N ILE A 97 -4.46 20.50 2.36
CA ILE A 97 -4.69 21.19 3.62
C ILE A 97 -5.75 22.30 3.45
N ASP A 98 -5.74 22.97 2.30
CA ASP A 98 -6.72 24.04 2.09
C ASP A 98 -8.16 23.53 1.93
N ILE A 99 -8.35 22.36 1.32
CA ILE A 99 -9.70 21.83 1.08
C ILE A 99 -10.23 20.94 2.20
N SER A 100 -9.32 20.43 3.04
CA SER A 100 -9.68 19.53 4.17
C SER A 100 -10.11 20.29 5.44
N PRO A 101 -10.80 19.60 6.37
CA PRO A 101 -11.12 20.23 7.64
C PRO A 101 -10.00 21.11 8.20
N LYS A 102 -10.39 22.31 8.66
CA LYS A 102 -9.47 23.35 9.12
C LYS A 102 -8.44 22.88 10.16
N LYS A 103 -8.84 21.92 11.01
CA LYS A 103 -7.98 21.45 12.10
C LYS A 103 -6.88 20.52 11.61
N LEU A 104 -7.13 19.89 10.45
CA LEU A 104 -6.13 19.07 9.77
C LEU A 104 -5.12 19.94 9.03
N THR A 105 -3.87 19.92 9.47
CA THR A 105 -2.85 20.84 8.96
C THR A 105 -1.66 20.14 8.32
N ARG A 106 -1.72 18.82 8.26
CA ARG A 106 -0.54 18.05 8.03
C ARG A 106 -0.90 16.90 7.10
N VAL A 107 -0.03 16.61 6.13
CA VAL A 107 -0.25 15.52 5.17
C VAL A 107 0.89 14.47 5.22
N PHE A 108 0.53 13.21 5.40
CA PHE A 108 1.49 12.11 5.39
C PHE A 108 1.09 11.13 4.28
N TYR A 109 1.93 11.01 3.24
CA TYR A 109 1.53 10.28 2.03
C TYR A 109 1.70 8.78 2.19
N SER A 110 0.96 8.03 1.38
CA SER A 110 1.20 6.59 1.21
C SER A 110 0.61 6.17 -0.13
N ASP A 111 0.41 4.87 -0.32
CA ASP A 111 0.01 4.32 -1.62
C ASP A 111 -1.46 3.92 -1.71
N SER A 112 -2.08 3.62 -0.58
CA SER A 112 -3.43 3.08 -0.62
C SER A 112 -4.21 3.45 0.65
N GLY A 113 -5.55 3.35 0.56
CA GLY A 113 -6.43 3.59 1.70
C GLY A 113 -6.11 2.80 2.96
N ALA A 114 -5.76 1.52 2.79
CA ALA A 114 -5.42 0.64 3.89
C ALA A 114 -4.16 1.14 4.56
N GLU A 115 -3.21 1.58 3.74
CA GLU A 115 -1.95 2.11 4.23
C GLU A 115 -2.18 3.44 4.92
N ALA A 116 -3.18 4.19 4.46
CA ALA A 116 -3.50 5.46 5.10
C ALA A 116 -4.11 5.21 6.49
N MET A 117 -4.88 4.14 6.59
CA MET A 117 -5.52 3.78 7.84
C MET A 117 -4.51 3.17 8.79
N GLU A 118 -3.63 2.35 8.25
CA GLU A 118 -2.55 1.75 9.01
C GLU A 118 -1.70 2.85 9.63
N ILE A 119 -1.36 3.88 8.83
CA ILE A 119 -0.69 5.09 9.32
C ILE A 119 -1.50 5.84 10.40
N ALA A 120 -2.79 6.04 10.18
CA ALA A 120 -3.62 6.72 11.17
C ALA A 120 -3.58 5.99 12.51
N LEU A 121 -3.72 4.66 12.48
CA LEU A 121 -3.71 3.81 13.68
C LEU A 121 -2.35 3.79 14.38
N LYS A 122 -1.27 3.83 13.61
CA LYS A 122 0.06 3.87 14.22
C LYS A 122 0.37 5.24 14.80
N MET A 123 -0.04 6.33 14.12
CA MET A 123 0.05 7.69 14.67
C MET A 123 -0.71 7.85 16.01
N ALA A 124 -1.95 7.38 16.07
CA ALA A 124 -2.75 7.42 17.31
C ALA A 124 -2.10 6.64 18.45
N PHE A 125 -1.72 5.40 18.18
CA PHE A 125 -1.03 4.56 19.15
C PHE A 125 0.30 5.15 19.70
N GLN A 126 1.13 5.70 18.83
CA GLN A 126 2.45 6.19 19.26
C GLN A 126 2.32 7.59 19.83
N TYR A 127 1.36 8.35 19.33
CA TYR A 127 1.10 9.67 19.88
C TYR A 127 0.97 9.59 21.39
N TRP A 128 0.11 8.70 21.89
CA TRP A 128 -0.12 8.61 23.34
C TRP A 128 1.11 8.18 24.14
N LYS A 129 1.95 7.31 23.59
CA LYS A 129 3.19 7.01 24.31
C LYS A 129 4.31 8.04 24.21
N ASN A 130 4.33 8.82 23.12
CA ASN A 130 5.21 9.98 22.99
C ASN A 130 4.93 11.07 24.05
N ILE A 131 3.66 11.25 24.43
CA ILE A 131 3.32 12.24 25.46
C ILE A 131 3.25 11.62 26.87
N GLY A 132 3.67 10.36 26.99
CA GLY A 132 3.81 9.71 28.28
C GLY A 132 2.54 9.10 28.86
N LYS A 133 1.60 8.71 27.99
CA LYS A 133 0.38 8.00 28.41
C LYS A 133 0.30 6.63 27.74
N PRO A 134 1.22 5.73 28.10
CA PRO A 134 1.28 4.42 27.44
C PRO A 134 0.03 3.56 27.65
N GLU A 135 -0.79 3.91 28.64
CA GLU A 135 -2.03 3.20 28.96
C GLU A 135 -2.99 3.28 27.80
N LYS A 136 -3.02 4.43 27.14
CA LYS A 136 -3.91 4.64 26.04
C LYS A 136 -3.42 3.95 24.78
N GLN A 137 -3.78 2.67 24.63
CA GLN A 137 -3.30 1.90 23.51
C GLN A 137 -4.37 1.06 22.80
N LYS A 138 -5.60 1.07 23.31
CA LYS A 138 -6.69 0.30 22.69
C LYS A 138 -7.45 1.08 21.60
N PHE A 139 -8.11 0.34 20.71
CA PHE A 139 -8.92 0.96 19.66
C PHE A 139 -10.43 0.64 19.79
N ILE A 140 -11.27 1.57 19.34
CA ILE A 140 -12.68 1.30 19.12
C ILE A 140 -12.93 1.45 17.63
N ALA A 141 -13.56 0.44 17.04
CA ALA A 141 -14.04 0.51 15.66
C ALA A 141 -15.51 0.15 15.64
N MET A 142 -16.19 0.63 14.61
CA MET A 142 -17.62 0.46 14.50
C MET A 142 -17.94 -0.85 13.79
N LYS A 143 -18.77 -1.66 14.44
CA LYS A 143 -19.48 -2.77 13.81
C LYS A 143 -19.75 -2.54 12.33
N ASN A 144 -19.41 -3.54 11.52
CA ASN A 144 -19.56 -3.46 10.06
C ASN A 144 -18.66 -2.43 9.37
N GLY A 145 -17.59 -2.04 10.04
CA GLY A 145 -16.64 -1.08 9.49
C GLY A 145 -15.66 -1.81 8.58
N TYR A 146 -15.23 -1.13 7.53
CA TYR A 146 -14.22 -1.67 6.65
C TYR A 146 -13.15 -0.60 6.47
N HIS A 147 -11.90 -0.97 6.71
CA HIS A 147 -10.83 0.02 6.63
C HIS A 147 -9.66 -0.38 5.76
N GLY A 148 -9.79 -1.50 5.07
CA GLY A 148 -8.70 -1.99 4.22
C GLY A 148 -8.33 -3.37 4.63
N ASP A 149 -7.37 -3.96 3.93
CA ASP A 149 -7.12 -5.41 3.98
C ASP A 149 -5.88 -5.82 4.75
N THR A 150 -4.93 -4.91 4.89
CA THR A 150 -3.72 -5.19 5.67
C THR A 150 -4.09 -5.44 7.16
N ILE A 151 -3.23 -6.14 7.90
CA ILE A 151 -3.62 -6.72 9.20
C ILE A 151 -4.10 -5.74 10.28
N GLY A 152 -3.54 -4.54 10.31
CA GLY A 152 -3.98 -3.51 11.27
C GLY A 152 -5.33 -2.93 10.89
N ALA A 153 -5.54 -2.75 9.59
CA ALA A 153 -6.80 -2.26 9.09
C ALA A 153 -7.92 -3.28 9.37
N VAL A 154 -7.60 -4.57 9.33
CA VAL A 154 -8.63 -5.60 9.54
C VAL A 154 -8.86 -5.86 11.03
N SER A 155 -7.88 -5.49 11.86
CA SER A 155 -8.03 -5.55 13.32
C SER A 155 -9.04 -4.51 13.81
N VAL A 156 -9.20 -3.44 13.05
CA VAL A 156 -10.23 -2.45 13.34
C VAL A 156 -11.37 -2.47 12.33
N GLY A 157 -11.56 -3.60 11.65
CA GLY A 157 -12.59 -3.73 10.62
C GLY A 157 -13.41 -4.97 10.90
N SER A 158 -14.73 -4.93 10.68
CA SER A 158 -15.57 -6.09 10.98
C SER A 158 -16.52 -6.50 9.86
N ILE A 159 -15.97 -7.02 8.78
CA ILE A 159 -16.76 -7.67 7.74
C ILE A 159 -16.49 -9.17 7.86
N GLU A 160 -17.38 -9.88 8.53
CA GLU A 160 -17.22 -11.30 8.81
C GLU A 160 -16.66 -12.12 7.63
N LEU A 161 -17.23 -11.94 6.44
CA LEU A 161 -16.75 -12.71 5.30
C LEU A 161 -15.30 -12.38 4.90
N PHE A 162 -14.87 -11.14 5.13
CA PHE A 162 -13.50 -10.72 4.85
C PHE A 162 -12.59 -11.08 6.03
N HIS A 163 -12.99 -10.65 7.22
CA HIS A 163 -12.10 -10.70 8.37
C HIS A 163 -12.45 -11.89 9.22
N HIS A 164 -11.56 -12.27 10.13
CA HIS A 164 -11.90 -13.36 11.05
C HIS A 164 -11.83 -14.78 10.43
N VAL A 165 -11.07 -14.95 9.37
CA VAL A 165 -10.31 -16.17 9.23
C VAL A 165 -9.16 -15.73 10.09
N TYR A 166 -8.82 -14.45 9.82
CA TYR A 166 -7.73 -13.70 10.48
C TYR A 166 -7.90 -13.26 11.91
N GLY A 167 -9.00 -13.66 12.55
CA GLY A 167 -9.17 -13.41 13.98
C GLY A 167 -7.88 -13.51 14.79
N PRO A 168 -7.24 -14.69 14.78
CA PRO A 168 -5.94 -14.94 15.45
C PRO A 168 -4.80 -13.95 15.19
N LEU A 169 -4.86 -13.17 14.10
CA LEU A 169 -3.82 -12.17 13.80
C LEU A 169 -4.16 -10.69 14.18
N MET A 170 -5.38 -10.41 14.62
CA MET A 170 -5.75 -9.14 15.27
C MET A 170 -5.41 -9.38 16.74
N PHE A 171 -4.83 -8.46 17.52
CA PHE A 171 -5.25 -7.11 17.86
C PHE A 171 -6.72 -6.82 18.21
N GLU A 172 -6.97 -6.98 19.52
CA GLU A 172 -8.25 -6.78 20.15
C GLU A 172 -8.65 -5.32 20.11
N SER A 173 -9.95 -5.12 20.02
CA SER A 173 -10.53 -3.91 19.53
C SER A 173 -11.90 -3.93 20.15
N TYR A 174 -12.35 -2.77 20.64
CA TYR A 174 -13.73 -2.61 21.09
C TYR A 174 -14.63 -2.34 19.91
N LYS A 175 -15.75 -3.02 19.85
CA LYS A 175 -16.70 -2.84 18.76
C LYS A 175 -17.95 -2.12 19.25
N ALA A 176 -18.28 -1.00 18.60
CA ALA A 176 -19.48 -0.25 18.93
C ALA A 176 -20.50 -0.40 17.81
N PRO A 177 -21.80 -0.34 18.14
CA PRO A 177 -22.84 -0.52 17.13
C PRO A 177 -23.11 0.75 16.33
N ILE A 178 -23.41 0.59 15.05
CA ILE A 178 -23.85 1.70 14.20
C ILE A 178 -25.37 1.63 14.00
N PRO A 179 -26.06 2.77 13.91
CA PRO A 179 -27.48 2.64 13.58
C PRO A 179 -27.72 2.13 12.15
N TYR A 180 -28.28 0.93 12.05
CA TYR A 180 -28.70 0.34 10.78
C TYR A 180 -30.22 0.45 10.62
N VAL A 181 -30.66 1.61 10.13
CA VAL A 181 -32.06 2.02 10.13
C VAL A 181 -33.04 1.08 9.41
N TYR A 182 -32.64 0.56 8.24
CA TYR A 182 -33.52 -0.27 7.42
C TYR A 182 -34.00 -1.57 8.10
N ARG A 183 -33.12 -2.51 8.41
CA ARG A 183 -33.60 -3.59 9.26
C ARG A 183 -33.26 -3.39 10.75
N SER A 184 -33.94 -2.40 11.32
CA SER A 184 -34.03 -2.16 12.76
C SER A 184 -35.51 -2.08 13.11
N GLU A 185 -35.86 -2.37 14.35
CA GLU A 185 -37.28 -2.43 14.75
C GLU A 185 -38.05 -1.09 14.61
N SER A 186 -37.55 -0.04 15.26
CA SER A 186 -38.14 1.31 15.14
C SER A 186 -37.89 1.89 13.74
N GLY A 187 -36.75 2.60 13.62
CA GLY A 187 -36.14 2.97 12.32
C GLY A 187 -37.00 3.81 11.32
N ASP A 188 -37.26 5.10 11.62
CA ASP A 188 -36.69 5.91 12.73
C ASP A 188 -35.17 6.05 12.92
N PRO A 189 -34.59 7.06 12.24
CA PRO A 189 -33.16 7.42 12.30
C PRO A 189 -32.78 8.00 13.65
N ASP A 190 -33.65 8.83 14.21
CA ASP A 190 -33.36 9.54 15.46
C ASP A 190 -33.30 8.64 16.67
N GLU A 191 -34.21 7.67 16.72
CA GLU A 191 -34.26 6.69 17.80
C GLU A 191 -33.03 5.81 17.78
N CYS A 192 -32.65 5.38 16.57
CA CYS A 192 -31.49 4.51 16.34
C CYS A 192 -30.21 5.21 16.76
N ARG A 193 -29.88 6.29 16.06
CA ARG A 193 -28.82 7.22 16.44
C ARG A 193 -28.60 7.26 17.97
N ASP A 194 -29.62 7.74 18.68
CA ASP A 194 -29.50 8.05 20.12
C ASP A 194 -29.18 6.83 21.00
N GLN A 195 -29.66 5.65 20.61
CA GLN A 195 -29.36 4.42 21.35
C GLN A 195 -27.95 3.87 21.07
N CSX A 196 -27.48 4.02 19.83
CA CSX A 196 -26.13 3.60 19.46
CB CSX A 196 -25.97 3.51 17.94
SG CSX A 196 -27.05 2.24 17.20
C CSX A 196 -25.14 4.53 20.12
O CSX A 196 -24.08 4.08 20.57
OD CSX A 196 -26.96 0.72 18.28
N LEU A 197 -25.48 5.81 20.23
CA LEU A 197 -24.68 6.81 20.97
C LEU A 197 -24.66 6.59 22.50
N ARG A 198 -25.78 6.10 23.05
CA ARG A 198 -25.84 5.67 24.44
C ARG A 198 -24.93 4.47 24.73
N GLU A 199 -24.86 3.53 23.79
CA GLU A 199 -23.93 2.40 23.91
C GLU A 199 -22.45 2.79 23.69
N LEU A 200 -22.17 3.71 22.77
CA LEU A 200 -20.82 4.27 22.65
C LEU A 200 -20.41 4.94 23.96
N ALA A 201 -21.24 5.87 24.44
CA ALA A 201 -21.03 6.61 25.69
C ALA A 201 -20.76 5.69 26.88
N GLN A 202 -21.54 4.62 26.98
CA GLN A 202 -21.28 3.54 27.94
C GLN A 202 -19.92 2.88 27.74
N LEU A 203 -19.56 2.60 26.49
CA LEU A 203 -18.29 1.94 26.20
C LEU A 203 -17.15 2.86 26.63
N LEU A 204 -17.23 4.12 26.20
CA LEU A 204 -16.25 5.12 26.58
C LEU A 204 -16.15 5.31 28.08
N GLU A 205 -17.30 5.42 28.74
CA GLU A 205 -17.34 5.68 30.18
C GLU A 205 -16.49 4.66 30.93
N GLU A 206 -16.62 3.39 30.55
CA GLU A 206 -15.97 2.29 31.26
C GLU A 206 -14.51 2.13 30.91
N HIS A 207 -14.15 2.35 29.65
CA HIS A 207 -12.85 1.92 29.14
C HIS A 207 -11.93 3.01 28.58
N HIS A 208 -12.38 4.27 28.65
CA HIS A 208 -11.73 5.41 28.00
C HIS A 208 -10.28 5.69 28.41
N GLU A 209 -9.90 5.26 29.62
CA GLU A 209 -8.51 5.42 30.06
C GLU A 209 -7.55 4.46 29.35
N GLU A 210 -8.11 3.53 28.56
CA GLU A 210 -7.33 2.51 27.85
C GLU A 210 -7.33 2.73 26.36
N ILE A 211 -8.09 3.71 25.91
CA ILE A 211 -8.42 3.88 24.49
C ILE A 211 -7.65 5.02 23.77
N ALA A 212 -6.89 4.63 22.75
CA ALA A 212 -6.09 5.57 21.96
C ALA A 212 -6.97 6.36 20.98
N ALA A 213 -7.82 5.64 20.26
CA ALA A 213 -8.58 6.23 19.17
C ALA A 213 -9.85 5.46 18.85
N LEU A 214 -10.81 6.15 18.25
CA LEU A 214 -11.98 5.53 17.67
C LEU A 214 -11.88 5.68 16.15
N SER A 215 -12.19 4.62 15.43
CA SER A 215 -12.02 4.59 13.99
C SER A 215 -13.40 4.43 13.32
N ILE A 216 -13.72 5.27 12.34
CA ILE A 216 -15.05 5.25 11.76
C ILE A 216 -15.08 5.74 10.31
N GLU A 217 -15.84 5.05 9.46
CA GLU A 217 -16.09 5.53 8.12
C GLU A 217 -16.93 6.79 8.16
N SER A 218 -16.71 7.68 7.21
CA SER A 218 -17.36 8.99 7.20
C SER A 218 -18.77 8.96 6.57
N MET A 219 -19.81 9.00 7.40
CA MET A 219 -21.18 9.17 6.92
C MET A 219 -21.78 7.95 6.15
N VAL A 220 -20.97 7.21 5.43
CA VAL A 220 -21.48 5.99 4.78
C VAL A 220 -20.52 4.83 5.00
N GLN A 221 -21.07 3.71 5.46
CA GLN A 221 -20.35 2.47 5.48
C GLN A 221 -20.53 1.83 4.13
N GLY A 222 -19.46 1.81 3.34
CA GLY A 222 -19.49 1.32 1.98
C GLY A 222 -19.58 -0.19 1.82
N ALA A 223 -18.50 -0.88 2.16
CA ALA A 223 -18.39 -2.33 1.97
C ALA A 223 -19.49 -3.13 2.70
N SER A 224 -20.10 -2.52 3.69
CA SER A 224 -21.16 -3.18 4.44
C SER A 224 -22.53 -3.06 3.77
N GLY A 225 -22.59 -2.41 2.62
CA GLY A 225 -23.85 -2.26 1.89
C GLY A 225 -24.32 -0.83 1.73
N MET A 226 -23.37 0.09 1.57
CA MET A 226 -23.70 1.51 1.37
C MET A 226 -24.71 2.04 2.39
N ILE A 227 -24.39 1.89 3.68
CA ILE A 227 -25.29 2.25 4.77
C ILE A 227 -25.03 3.69 5.27
N VAL A 228 -25.96 4.59 4.95
CA VAL A 228 -25.85 5.99 5.33
C VAL A 228 -26.17 6.18 6.83
N MET A 229 -25.29 6.88 7.54
CA MET A 229 -25.52 7.19 8.93
C MET A 229 -26.60 8.28 9.04
N PRO A 230 -27.49 8.14 10.04
CA PRO A 230 -28.53 9.15 10.22
C PRO A 230 -27.94 10.53 10.60
N GLU A 231 -28.68 11.61 10.30
CA GLU A 231 -28.28 12.98 10.67
C GLU A 231 -28.04 13.12 12.16
N GLY A 232 -26.88 13.65 12.52
CA GLY A 232 -26.54 13.88 13.91
C GLY A 232 -25.70 12.76 14.47
N TYR A 233 -25.65 11.63 13.78
CA TYR A 233 -24.86 10.50 14.31
C TYR A 233 -23.34 10.76 14.35
N LEU A 234 -22.78 11.32 13.28
CA LEU A 234 -21.32 11.52 13.17
C LEU A 234 -20.86 12.61 14.15
N ALA A 235 -21.62 13.70 14.21
CA ALA A 235 -21.38 14.82 15.12
C ALA A 235 -21.42 14.39 16.59
N GLY A 236 -22.35 13.50 16.91
CA GLY A 236 -22.39 12.86 18.22
C GLY A 236 -21.20 11.95 18.53
N VAL A 237 -20.69 11.22 17.53
CA VAL A 237 -19.49 10.38 17.74
C VAL A 237 -18.28 11.25 18.08
N ARG A 238 -18.08 12.30 17.28
CA ARG A 238 -17.05 13.30 17.48
C ARG A 238 -17.12 13.95 18.87
N GLU A 239 -18.31 14.36 19.27
CA GLU A 239 -18.53 14.93 20.60
C GLU A 239 -18.08 13.96 21.70
N LEU A 240 -18.50 12.70 21.62
CA LEU A 240 -18.14 11.74 22.65
C LEU A 240 -16.63 11.41 22.64
N CYS A 241 -16.00 11.53 21.48
CA CYS A 241 -14.57 11.26 21.38
C CYS A 241 -13.80 12.40 22.05
N THR A 242 -14.25 13.62 21.83
CA THR A 242 -13.69 14.78 22.49
C THR A 242 -13.87 14.65 24.01
N THR A 243 -15.11 14.45 24.46
CA THR A 243 -15.44 14.37 25.89
C THR A 243 -14.55 13.39 26.65
N TYR A 244 -14.23 12.28 26.01
CA TYR A 244 -13.49 11.22 26.68
C TYR A 244 -12.04 11.11 26.26
N ASP A 245 -11.50 12.14 25.61
CA ASP A 245 -10.07 12.19 25.31
C ASP A 245 -9.63 11.05 24.42
N VAL A 246 -10.44 10.75 23.42
CA VAL A 246 -10.15 9.70 22.46
C VAL A 246 -9.99 10.38 21.10
N LEU A 247 -8.94 10.04 20.38
CA LEU A 247 -8.76 10.61 19.03
C LEU A 247 -9.75 10.02 18.03
N MET A 248 -10.35 10.86 17.21
CA MET A 248 -11.23 10.39 16.16
C MET A 248 -10.52 10.22 14.84
N ILE A 249 -10.45 8.98 14.39
CA ILE A 249 -9.97 8.66 13.05
C ILE A 249 -11.13 8.55 12.10
N VAL A 250 -11.12 9.35 11.03
CA VAL A 250 -12.21 9.32 10.06
C VAL A 250 -11.72 8.72 8.72
N ASP A 251 -12.34 7.62 8.29
CA ASP A 251 -12.07 7.04 6.98
C ASP A 251 -12.86 7.72 5.85
N GLU A 252 -12.18 8.56 5.05
CA GLU A 252 -12.78 9.18 3.84
C GLU A 252 -12.30 8.58 2.51
N VAL A 253 -11.71 7.38 2.56
CA VAL A 253 -11.15 6.76 1.34
C VAL A 253 -12.19 6.63 0.21
N ALA A 254 -13.40 6.18 0.57
CA ALA A 254 -14.49 6.02 -0.39
C ALA A 254 -15.35 7.29 -0.59
N THR A 255 -15.72 7.95 0.52
CA THR A 255 -16.55 9.16 0.52
C THR A 255 -15.82 10.45 0.13
N GLY A 256 -14.50 10.45 0.23
CA GLY A 256 -13.73 11.65 -0.04
C GLY A 256 -13.71 12.07 -1.49
N PHE A 257 -13.40 13.34 -1.73
CA PHE A 257 -13.28 13.90 -3.08
C PHE A 257 -14.58 13.87 -3.90
N GLY A 258 -15.64 14.45 -3.35
CA GLY A 258 -16.86 14.75 -4.08
C GLY A 258 -17.97 13.71 -4.03
N ARG A 259 -17.60 12.49 -3.61
CA ARG A 259 -18.48 11.32 -3.68
C ARG A 259 -19.89 11.56 -3.10
N THR A 260 -19.95 12.12 -1.88
CA THR A 260 -21.23 12.31 -1.18
C THR A 260 -21.86 13.69 -1.40
N GLY A 261 -21.27 14.49 -2.28
CA GLY A 261 -21.80 15.84 -2.53
C GLY A 261 -21.17 16.94 -1.67
N LYS A 262 -20.07 16.61 -1.01
CA LYS A 262 -19.22 17.56 -0.31
C LYS A 262 -17.81 17.17 -0.76
N MET A 263 -16.82 18.03 -0.57
CA MET A 263 -15.46 17.63 -0.89
C MET A 263 -15.04 16.45 0.00
N PHE A 264 -15.27 16.59 1.30
CA PHE A 264 -15.17 15.47 2.25
C PHE A 264 -16.51 15.26 2.95
N ALA A 265 -16.91 14.00 3.14
CA ALA A 265 -18.22 13.71 3.78
C ALA A 265 -18.39 14.29 5.18
N CYS A 266 -17.31 14.47 5.93
CA CYS A 266 -17.46 14.96 7.29
C CYS A 266 -17.99 16.40 7.31
N GLU A 267 -17.92 17.07 6.15
CA GLU A 267 -18.51 18.41 6.03
C GLU A 267 -20.02 18.43 6.25
N HIS A 268 -20.67 17.28 6.06
CA HIS A 268 -22.13 17.15 6.25
C HIS A 268 -22.56 17.46 7.66
N GLU A 269 -21.77 17.00 8.63
CA GLU A 269 -22.10 17.22 10.04
C GLU A 269 -21.09 18.14 10.73
N ASN A 270 -20.36 18.90 9.92
CA ASN A 270 -19.29 19.77 10.40
C ASN A 270 -18.29 19.10 11.34
N VAL A 271 -17.80 17.92 11.00
CA VAL A 271 -16.90 17.27 11.93
C VAL A 271 -15.42 17.42 11.57
N GLN A 272 -14.63 17.70 12.60
CA GLN A 272 -13.20 17.82 12.50
C GLN A 272 -12.58 16.52 12.99
N PRO A 273 -12.02 15.73 12.07
CA PRO A 273 -11.33 14.54 12.51
C PRO A 273 -10.02 14.97 13.15
N ASP A 274 -9.49 14.11 14.01
CA ASP A 274 -8.12 14.20 14.50
C ASP A 274 -7.15 13.65 13.46
N LEU A 275 -7.54 12.52 12.86
CA LEU A 275 -6.79 11.83 11.83
C LEU A 275 -7.79 11.50 10.73
N MET A 276 -7.42 11.73 9.48
CA MET A 276 -8.32 11.46 8.38
C MET A 276 -7.62 10.75 7.22
N ALA A 277 -8.13 9.57 6.90
CA ALA A 277 -7.64 8.78 5.79
C ALA A 277 -8.37 9.10 4.48
N ALA A 278 -7.61 9.21 3.40
CA ALA A 278 -8.19 9.47 2.09
C ALA A 278 -7.43 8.65 1.02
N GLY A 279 -8.02 8.51 -0.16
CA GLY A 279 -7.38 7.79 -1.24
C GLY A 279 -8.26 7.75 -2.44
N LYS A 280 -8.35 6.60 -3.10
CA LYS A 280 -9.21 6.36 -4.27
C LYS A 280 -9.29 7.55 -5.25
N GLY A 281 -10.30 8.41 -5.11
CA GLY A 281 -10.52 9.48 -6.08
C GLY A 281 -9.53 10.63 -5.97
N ILE A 282 -8.57 10.53 -5.06
CA ILE A 282 -7.61 11.63 -4.89
C ILE A 282 -6.88 11.96 -6.20
N THR A 283 -6.67 10.92 -7.01
CA THR A 283 -5.99 11.08 -8.29
C THR A 283 -6.94 11.10 -9.48
N GLY A 284 -8.24 11.26 -9.24
CA GLY A 284 -9.23 11.13 -10.31
C GLY A 284 -9.42 9.69 -10.78
N GLY A 285 -8.72 8.77 -10.12
CA GLY A 285 -8.77 7.37 -10.45
C GLY A 285 -7.63 6.89 -11.32
N TYR A 286 -6.56 7.68 -11.47
CA TYR A 286 -5.47 7.34 -12.39
C TYR A 286 -4.35 6.52 -11.75
N LEU A 287 -3.98 6.85 -10.52
CA LEU A 287 -2.79 6.28 -9.92
C LEU A 287 -3.01 6.11 -8.44
N PRO A 288 -2.19 5.26 -7.78
CA PRO A 288 -2.27 5.00 -6.33
C PRO A 288 -1.53 6.02 -5.47
N ILE A 289 -2.29 6.97 -4.93
CA ILE A 289 -1.78 7.95 -3.98
C ILE A 289 -2.77 7.92 -2.81
N ALA A 290 -2.27 7.98 -1.58
CA ALA A 290 -3.16 8.11 -0.43
C ALA A 290 -2.60 9.13 0.55
N VAL A 291 -3.45 9.56 1.47
CA VAL A 291 -3.08 10.57 2.45
C VAL A 291 -3.67 10.27 3.84
N THR A 292 -2.85 10.50 4.86
CA THR A 292 -3.29 10.59 6.25
C THR A 292 -3.11 12.04 6.69
N PHE A 293 -4.23 12.73 6.92
CA PHE A 293 -4.23 14.06 7.50
C PHE A 293 -4.15 13.95 9.02
N ALA A 294 -3.39 14.85 9.62
CA ALA A 294 -3.27 14.92 11.07
C ALA A 294 -3.32 16.37 11.50
N THR A 295 -3.75 16.58 12.74
CA THR A 295 -3.75 17.89 13.38
C THR A 295 -2.32 18.30 13.70
N GLU A 296 -2.12 19.53 14.14
CA GLU A 296 -0.78 19.98 14.46
C GLU A 296 -0.41 19.50 15.85
N ASP A 297 -1.41 19.33 16.70
CA ASP A 297 -1.17 18.81 18.04
C ASP A 297 -0.53 17.42 17.95
N ILE A 298 -0.99 16.61 16.99
CA ILE A 298 -0.47 15.23 16.82
C ILE A 298 0.92 15.23 16.19
N TYR A 299 1.07 16.01 15.11
CA TYR A 299 2.36 16.25 14.46
C TYR A 299 3.44 16.66 15.44
N LYS A 300 3.10 17.55 16.37
CA LYS A 300 4.12 18.11 17.23
C LYS A 300 4.56 17.16 18.36
N ALA A 301 3.84 16.07 18.57
CA ALA A 301 4.20 15.05 19.57
C ALA A 301 5.24 14.03 19.05
N PHE A 302 5.60 14.18 17.77
CA PHE A 302 6.62 13.37 17.08
C PHE A 302 7.79 14.28 16.65
N TYR A 303 7.73 15.53 17.10
CA TYR A 303 8.63 16.60 16.67
C TYR A 303 9.50 16.99 17.85
N ASP A 304 10.82 16.80 17.71
CA ASP A 304 11.74 16.83 18.84
C ASP A 304 13.16 16.51 18.32
N ASP A 305 14.16 16.75 19.16
CA ASP A 305 15.50 16.30 18.86
C ASP A 305 15.47 14.79 18.62
N TYR A 306 16.19 14.31 17.61
CA TYR A 306 16.19 12.89 17.25
C TYR A 306 16.49 11.97 18.44
N GLU A 307 17.31 12.41 19.38
CA GLU A 307 17.77 11.50 20.44
C GLU A 307 16.68 11.17 21.46
N ASN A 308 15.75 12.12 21.63
CA ASN A 308 14.53 11.93 22.41
C ASN A 308 13.56 11.27 21.47
N LEU A 309 13.45 9.95 21.49
CA LEU A 309 12.99 9.25 20.27
C LEU A 309 11.50 9.43 19.93
N LYS A 310 11.17 10.59 19.37
CA LYS A 310 9.79 10.94 19.08
C LYS A 310 9.36 10.54 17.68
N THR A 311 10.33 10.24 16.83
CA THR A 311 10.10 10.11 15.38
C THR A 311 9.09 9.02 15.01
N PHE A 312 8.31 9.28 13.96
CA PHE A 312 7.41 8.28 13.40
C PHE A 312 8.18 7.42 12.41
N PHE A 313 8.54 6.20 12.82
CA PHE A 313 9.37 5.32 11.96
C PHE A 313 8.54 4.47 10.99
N HIS A 314 8.03 5.14 9.96
CA HIS A 314 7.09 4.55 9.02
C HIS A 314 7.20 5.30 7.69
N GLY A 315 7.08 4.59 6.57
CA GLY A 315 7.05 5.24 5.26
C GLY A 315 7.40 4.38 4.06
N HIS A 316 6.44 4.13 3.19
CA HIS A 316 6.64 3.34 1.98
C HIS A 316 7.56 4.04 0.98
N SER A 317 8.12 3.28 0.06
CA SER A 317 9.12 3.85 -0.81
C SER A 317 8.56 4.79 -1.86
N TYR A 318 7.31 4.64 -2.23
CA TYR A 318 6.74 5.51 -3.24
C TYR A 318 5.96 6.69 -2.70
N THR A 319 5.98 6.87 -1.38
CA THR A 319 5.42 8.07 -0.71
C THR A 319 5.71 9.36 -1.46
N GLY A 320 4.68 10.13 -1.80
CA GLY A 320 4.86 11.40 -2.52
C GLY A 320 5.26 11.27 -3.98
N ASN A 321 5.09 10.09 -4.57
CA ASN A 321 5.30 9.89 -6.00
C ASN A 321 4.88 11.10 -6.85
N GLN A 322 5.80 11.64 -7.64
CA GLN A 322 5.51 12.82 -8.46
C GLN A 322 4.37 12.56 -9.43
N LEU A 323 4.42 11.43 -10.13
CA LEU A 323 3.39 11.05 -11.10
C LEU A 323 1.95 11.05 -10.53
N GLY A 324 1.73 10.33 -9.42
CA GLY A 324 0.44 10.39 -8.73
C GLY A 324 0.14 11.78 -8.19
N CYS A 325 1.13 12.43 -7.59
CA CYS A 325 0.92 13.78 -7.07
C CYS A 325 0.59 14.81 -8.15
N ALA A 326 1.25 14.71 -9.30
CA ALA A 326 0.95 15.60 -10.42
C ALA A 326 -0.48 15.44 -10.94
N VAL A 327 -0.94 14.19 -11.08
CA VAL A 327 -2.28 13.94 -11.60
C VAL A 327 -3.37 14.34 -10.59
N ALA A 328 -3.06 14.14 -9.32
CA ALA A 328 -3.92 14.58 -8.22
C ALA A 328 -4.08 16.10 -8.16
N LEU A 329 -2.98 16.84 -8.33
CA LEU A 329 -3.00 18.30 -8.38
C LEU A 329 -3.99 18.81 -9.45
N GLU A 330 -3.88 18.24 -10.65
CA GLU A 330 -4.78 18.54 -11.77
C GLU A 330 -6.22 18.06 -11.52
N ASN A 331 -6.37 16.93 -10.85
CA ASN A 331 -7.69 16.44 -10.43
C ASN A 331 -8.42 17.50 -9.58
N LEU A 332 -7.70 18.14 -8.67
CA LEU A 332 -8.28 19.11 -7.77
C LEU A 332 -8.57 20.46 -8.47
N ALA A 333 -7.70 20.83 -9.42
CA ALA A 333 -7.92 22.01 -10.24
C ALA A 333 -9.24 21.85 -10.99
N LEU A 334 -9.50 20.66 -11.52
CA LEU A 334 -10.79 20.36 -12.15
C LEU A 334 -12.00 20.51 -11.24
N PHE A 335 -11.90 20.03 -10.01
CA PHE A 335 -12.97 20.19 -9.04
C PHE A 335 -13.35 21.65 -8.92
N GLU A 336 -12.37 22.51 -9.15
CA GLU A 336 -12.48 23.94 -8.96
C GLU A 336 -13.07 24.61 -10.20
N SER A 337 -12.52 24.29 -11.36
CA SER A 337 -12.94 24.90 -12.62
C SER A 337 -14.20 24.26 -13.23
N GLU A 338 -14.59 23.11 -12.68
CA GLU A 338 -15.75 22.36 -13.12
C GLU A 338 -16.83 22.27 -12.04
N ASN A 339 -16.60 22.98 -10.93
CA ASN A 339 -17.42 22.93 -9.71
C ASN A 339 -18.06 21.57 -9.43
N ILE A 340 -17.23 20.53 -9.44
CA ILE A 340 -17.66 19.14 -9.42
C ILE A 340 -18.62 18.83 -8.26
N VAL A 341 -18.28 19.31 -7.06
CA VAL A 341 -19.03 19.00 -5.85
C VAL A 341 -20.44 19.59 -5.91
N GLU A 342 -20.57 20.83 -6.36
CA GLU A 342 -21.88 21.43 -6.55
C GLU A 342 -22.70 20.76 -7.65
N GLN A 343 -22.03 20.38 -8.74
CA GLN A 343 -22.69 19.59 -9.79
C GLN A 343 -23.15 18.21 -9.30
N VAL A 344 -22.37 17.55 -8.45
CA VAL A 344 -22.79 16.25 -7.92
C VAL A 344 -24.02 16.41 -7.03
N ALA A 345 -23.97 17.39 -6.13
CA ALA A 345 -25.08 17.74 -5.24
C ALA A 345 -26.40 18.04 -5.98
N GLU A 346 -26.31 18.79 -7.09
CA GLU A 346 -27.45 19.14 -7.93
C GLU A 346 -28.03 17.91 -8.64
N LYS A 347 -27.17 17.23 -9.39
CA LYS A 347 -27.56 16.03 -10.14
C LYS A 347 -28.13 14.95 -9.22
N SER A 348 -27.76 15.00 -7.95
CA SER A 348 -28.19 14.03 -6.93
C SER A 348 -29.67 14.17 -6.54
N LYS A 349 -30.27 15.31 -6.90
CA LYS A 349 -31.67 15.57 -6.57
C LYS A 349 -32.59 14.76 -7.46
N LYS A 350 -32.43 14.90 -8.76
CA LYS A 350 -33.18 14.12 -9.74
C LYS A 350 -32.84 12.62 -9.59
N LEU A 351 -31.59 12.34 -9.28
CA LEU A 351 -31.12 10.96 -9.17
C LEU A 351 -31.92 10.20 -8.12
N HIS A 352 -32.15 10.84 -6.99
CA HIS A 352 -32.98 10.29 -5.92
C HIS A 352 -34.35 9.83 -6.43
N PHE A 353 -34.89 10.56 -7.41
CA PHE A 353 -36.18 10.20 -8.00
C PHE A 353 -36.10 8.97 -8.93
N LEU A 354 -35.02 8.89 -9.71
CA LEU A 354 -34.72 7.68 -10.48
C LEU A 354 -34.67 6.45 -9.59
N LEU A 355 -34.01 6.59 -8.44
CA LEU A 355 -33.81 5.47 -7.54
C LEU A 355 -35.08 5.10 -6.75
N GLN A 356 -35.96 6.08 -6.54
CA GLN A 356 -37.24 5.78 -5.89
C GLN A 356 -38.17 5.00 -6.83
N ASP A 357 -38.04 5.25 -8.12
CA ASP A 357 -38.72 4.43 -9.11
C ASP A 357 -38.22 2.97 -9.05
N LEU A 358 -36.90 2.78 -9.01
CA LEU A 358 -36.29 1.47 -8.76
C LEU A 358 -36.98 0.73 -7.63
N HIS A 359 -37.29 1.48 -6.58
CA HIS A 359 -37.91 0.97 -5.36
C HIS A 359 -39.24 0.25 -5.64
N ALA A 360 -39.87 0.59 -6.76
CA ALA A 360 -41.16 0.02 -7.16
C ALA A 360 -41.12 -1.49 -7.44
N LEU A 361 -39.92 -2.02 -7.66
CA LEU A 361 -39.74 -3.45 -7.89
C LEU A 361 -40.02 -4.26 -6.62
N PRO A 362 -40.65 -5.44 -6.80
CA PRO A 362 -41.07 -6.35 -5.74
C PRO A 362 -39.93 -6.77 -4.82
N HIS A 363 -38.70 -6.79 -5.35
CA HIS A 363 -37.57 -7.35 -4.61
C HIS A 363 -36.48 -6.33 -4.24
N VAL A 364 -36.79 -5.05 -4.46
CA VAL A 364 -35.99 -3.93 -3.96
C VAL A 364 -36.52 -3.46 -2.60
N GLY A 365 -35.82 -3.82 -1.53
CA GLY A 365 -36.25 -3.55 -0.16
C GLY A 365 -35.90 -2.16 0.35
N ASP A 366 -34.79 -1.61 -0.13
CA ASP A 366 -34.30 -0.33 0.37
C ASP A 366 -33.44 0.34 -0.68
N ILE A 367 -33.54 1.67 -0.74
CA ILE A 367 -32.65 2.49 -1.55
C ILE A 367 -31.91 3.43 -0.61
N ARG A 368 -30.57 3.39 -0.67
CA ARG A 368 -29.76 4.26 0.15
C ARG A 368 -28.90 5.17 -0.70
N GLN A 369 -28.84 6.46 -0.34
CA GLN A 369 -28.13 7.44 -1.12
C GLN A 369 -27.60 8.60 -0.28
N LEU A 370 -26.37 9.02 -0.59
CA LEU A 370 -25.85 10.31 -0.18
C LEU A 370 -24.98 10.76 -1.34
N GLY A 371 -25.48 11.72 -2.14
CA GLY A 371 -24.76 12.21 -3.31
C GLY A 371 -24.70 11.14 -4.39
N PHE A 372 -23.50 10.78 -4.86
CA PHE A 372 -23.38 9.69 -5.85
C PHE A 372 -22.96 8.39 -5.19
N MET A 373 -23.25 8.25 -3.90
CA MET A 373 -22.90 7.02 -3.21
C MET A 373 -24.19 6.27 -2.86
N CYS A 374 -24.55 5.29 -3.69
CA CYS A 374 -25.88 4.69 -3.65
C CYS A 374 -25.84 3.19 -3.50
N GLY A 375 -26.94 2.65 -2.98
CA GLY A 375 -27.09 1.23 -2.70
C GLY A 375 -28.56 0.87 -2.81
N ALA A 376 -28.82 -0.25 -3.47
CA ALA A 376 -30.17 -0.78 -3.62
C ALA A 376 -30.16 -2.19 -3.03
N GLU A 377 -30.62 -2.32 -1.80
CA GLU A 377 -30.66 -3.62 -1.12
C GLU A 377 -31.80 -4.52 -1.62
N LEU A 378 -31.47 -5.72 -2.08
CA LEU A 378 -32.46 -6.66 -2.59
C LEU A 378 -32.92 -7.63 -1.50
N VAL A 379 -34.23 -7.86 -1.44
CA VAL A 379 -34.80 -8.73 -0.43
C VAL A 379 -35.71 -9.74 -1.10
N ARG A 380 -35.81 -10.94 -0.55
CA ARG A 380 -36.73 -11.90 -1.14
C ARG A 380 -38.18 -11.52 -0.85
N SER A 381 -38.36 -10.69 0.18
CA SER A 381 -39.69 -10.21 0.58
C SER A 381 -39.63 -8.76 1.10
N LYS A 382 -40.37 -7.86 0.46
CA LYS A 382 -40.26 -6.47 0.88
C LYS A 382 -41.25 -6.08 1.97
N GLU A 383 -42.12 -7.01 2.38
CA GLU A 383 -42.94 -6.75 3.57
C GLU A 383 -42.31 -7.29 4.87
N THR A 384 -41.61 -8.41 4.79
CA THR A 384 -40.93 -8.96 5.96
C THR A 384 -39.49 -8.47 5.97
N LYS A 385 -39.10 -7.87 4.83
CA LYS A 385 -37.71 -7.58 4.48
C LYS A 385 -36.70 -8.71 4.63
N GLU A 386 -37.17 -9.96 4.56
CA GLU A 386 -36.27 -11.10 4.65
C GLU A 386 -35.32 -11.16 3.45
N PRO A 387 -34.04 -11.51 3.71
CA PRO A 387 -33.09 -11.58 2.61
C PRO A 387 -33.17 -12.90 1.86
N TYR A 388 -32.79 -12.88 0.60
CA TYR A 388 -32.53 -14.11 -0.11
C TYR A 388 -31.49 -14.91 0.68
N PRO A 389 -31.64 -16.24 0.74
CA PRO A 389 -30.48 -16.98 1.25
C PRO A 389 -29.24 -16.57 0.46
N ALA A 390 -28.08 -16.58 1.10
CA ALA A 390 -26.85 -16.21 0.41
C ALA A 390 -26.56 -17.18 -0.73
N ASP A 391 -26.83 -18.46 -0.48
CA ASP A 391 -26.47 -19.53 -1.42
C ASP A 391 -27.09 -19.41 -2.82
N ARG A 392 -28.03 -18.47 -3.00
CA ARG A 392 -28.56 -18.24 -4.34
C ARG A 392 -28.04 -16.98 -5.06
N ARG A 393 -27.00 -16.34 -4.49
CA ARG A 393 -26.09 -15.45 -5.26
C ARG A 393 -26.77 -14.34 -6.04
N ILE A 394 -27.79 -13.72 -5.44
CA ILE A 394 -28.61 -12.72 -6.13
C ILE A 394 -27.81 -11.48 -6.52
N GLY A 395 -27.01 -10.96 -5.60
CA GLY A 395 -26.10 -9.85 -5.94
C GLY A 395 -25.15 -10.17 -7.08
N TYR A 396 -24.50 -11.31 -6.98
CA TYR A 396 -23.58 -11.74 -8.05
C TYR A 396 -24.26 -11.88 -9.43
N LYS A 397 -25.43 -12.52 -9.46
CA LYS A 397 -26.21 -12.67 -10.69
C LYS A 397 -26.67 -11.34 -11.28
N VAL A 398 -27.15 -10.42 -10.44
CA VAL A 398 -27.48 -9.09 -10.93
C VAL A 398 -26.28 -8.41 -11.64
N SER A 399 -25.10 -8.46 -11.02
CA SER A 399 -23.89 -7.87 -11.58
C SER A 399 -23.48 -8.48 -12.94
N LEU A 400 -23.70 -9.78 -13.09
CA LEU A 400 -23.48 -10.45 -14.39
C LEU A 400 -24.53 -10.06 -15.45
N LYS A 401 -25.78 -9.94 -15.04
CA LYS A 401 -26.82 -9.42 -15.94
C LYS A 401 -26.55 -7.98 -16.41
N MET A 402 -26.17 -7.11 -15.48
CA MET A 402 -25.74 -5.74 -15.78
C MET A 402 -24.57 -5.75 -16.75
N ARG A 403 -23.69 -6.71 -16.56
CA ARG A 403 -22.56 -6.88 -17.47
C ARG A 403 -23.01 -7.09 -18.92
N GLU A 404 -23.76 -8.16 -19.17
CA GLU A 404 -24.24 -8.40 -20.52
C GLU A 404 -25.10 -7.24 -21.05
N LEU A 405 -25.87 -6.60 -20.17
CA LEU A 405 -26.61 -5.39 -20.53
C LEU A 405 -25.74 -4.12 -20.66
N GLY A 406 -24.43 -4.24 -20.46
CA GLY A 406 -23.54 -3.13 -20.76
C GLY A 406 -23.16 -2.16 -19.64
N MET A 407 -23.19 -2.65 -18.39
CA MET A 407 -22.86 -1.84 -17.24
C MET A 407 -22.06 -2.63 -16.18
N LEU A 408 -21.00 -2.02 -15.63
CA LEU A 408 -20.21 -2.66 -14.57
C LEU A 408 -20.49 -2.10 -13.17
N THR A 409 -20.71 -3.02 -12.23
CA THR A 409 -20.71 -2.69 -10.80
C THR A 409 -20.39 -3.94 -9.99
N ARG A 410 -20.18 -3.79 -8.69
CA ARG A 410 -20.02 -4.95 -7.82
C ARG A 410 -21.02 -4.87 -6.68
N PRO A 411 -21.62 -6.01 -6.34
CA PRO A 411 -22.60 -6.03 -5.28
C PRO A 411 -21.90 -6.10 -3.93
N LEU A 412 -22.61 -5.72 -2.88
CA LEU A 412 -22.10 -5.93 -1.55
C LEU A 412 -23.05 -6.87 -0.81
N GLY A 413 -22.78 -8.16 -0.88
CA GLY A 413 -23.76 -9.15 -0.49
C GLY A 413 -24.87 -9.05 -1.51
N ASP A 414 -26.10 -8.81 -1.03
CA ASP A 414 -27.23 -8.60 -1.94
C ASP A 414 -27.60 -7.12 -2.07
N VAL A 415 -26.62 -6.24 -1.91
CA VAL A 415 -26.83 -4.81 -2.16
C VAL A 415 -26.14 -4.51 -3.48
N ILE A 416 -26.89 -3.95 -4.42
CA ILE A 416 -26.31 -3.49 -5.69
C ILE A 416 -25.80 -2.07 -5.49
N ALA A 417 -24.49 -1.93 -5.63
CA ALA A 417 -23.83 -0.66 -5.40
C ALA A 417 -23.96 0.17 -6.66
N PHE A 418 -24.18 1.47 -6.46
CA PHE A 418 -24.25 2.39 -7.58
C PHE A 418 -23.46 3.65 -7.27
N LEU A 419 -22.24 3.68 -7.80
CA LEU A 419 -21.33 4.77 -7.58
C LEU A 419 -20.78 5.20 -8.92
N PRO A 420 -21.59 5.96 -9.67
CA PRO A 420 -21.20 6.45 -11.01
C PRO A 420 -20.16 7.55 -10.89
N PRO A 421 -19.32 7.71 -11.93
CA PRO A 421 -18.34 8.79 -11.97
C PRO A 421 -18.99 10.12 -11.65
N LEU A 422 -18.22 11.05 -11.07
CA LEU A 422 -18.76 12.37 -10.73
C LEU A 422 -19.07 13.25 -11.97
N ALA A 423 -18.40 12.95 -13.08
CA ALA A 423 -18.65 13.65 -14.35
C ALA A 423 -19.93 13.17 -15.07
N SER A 424 -20.55 12.12 -14.56
CA SER A 424 -21.79 11.58 -15.13
C SER A 424 -22.88 12.65 -15.34
N THR A 425 -23.39 12.75 -16.56
CA THR A 425 -24.47 13.70 -16.89
C THR A 425 -25.81 13.23 -16.37
N ALA A 426 -26.81 14.10 -16.41
CA ALA A 426 -28.15 13.71 -15.94
C ALA A 426 -28.70 12.55 -16.78
N GLU A 427 -28.48 12.64 -18.09
CA GLU A 427 -28.87 11.61 -19.03
C GLU A 427 -28.20 10.26 -18.78
N GLU A 428 -26.89 10.28 -18.54
CA GLU A 428 -26.10 9.06 -18.31
C GLU A 428 -26.50 8.33 -17.04
N LEU A 429 -26.88 9.10 -16.01
CA LEU A 429 -27.37 8.54 -14.75
C LEU A 429 -28.68 7.81 -14.95
N SER A 430 -29.56 8.35 -15.79
CA SER A 430 -30.83 7.69 -16.05
C SER A 430 -30.63 6.48 -16.95
N GLU A 431 -29.72 6.57 -17.91
CA GLU A 431 -29.36 5.39 -18.70
C GLU A 431 -28.85 4.32 -17.76
N MET A 432 -28.01 4.70 -16.82
CA MET A 432 -27.43 3.74 -15.89
C MET A 432 -28.42 3.12 -14.93
N VAL A 433 -29.27 3.93 -14.31
CA VAL A 433 -30.32 3.43 -13.39
C VAL A 433 -31.32 2.47 -14.09
N ALA A 434 -31.64 2.75 -15.36
CA ALA A 434 -32.52 1.89 -16.16
C ALA A 434 -31.92 0.51 -16.48
N ILE A 435 -30.65 0.46 -16.88
CA ILE A 435 -29.95 -0.83 -17.04
C ILE A 435 -29.90 -1.61 -15.71
N MET A 436 -29.71 -0.88 -14.63
CA MET A 436 -29.69 -1.47 -13.29
C MET A 436 -31.07 -2.00 -12.91
N LYS A 437 -32.12 -1.26 -13.28
CA LYS A 437 -33.51 -1.68 -12.98
C LYS A 437 -33.96 -2.89 -13.80
N GLN A 438 -33.61 -2.90 -15.09
CA GLN A 438 -33.86 -4.05 -15.95
C GLN A 438 -33.22 -5.33 -15.44
N ALA A 439 -31.98 -5.21 -15.00
CA ALA A 439 -31.22 -6.36 -14.52
C ALA A 439 -31.71 -6.90 -13.18
N ILE A 440 -32.16 -6.00 -12.31
CA ILE A 440 -32.72 -6.45 -11.05
C ILE A 440 -34.00 -7.24 -11.30
N HIS A 441 -34.82 -6.74 -12.23
CA HIS A 441 -36.08 -7.38 -12.56
C HIS A 441 -35.88 -8.75 -13.22
N GLU A 442 -34.95 -8.82 -14.17
CA GLU A 442 -34.69 -10.07 -14.92
C GLU A 442 -34.08 -11.20 -14.10
N VAL A 443 -33.28 -10.85 -13.10
CA VAL A 443 -32.73 -11.86 -12.21
C VAL A 443 -33.74 -12.26 -11.14
N THR A 444 -34.40 -11.26 -10.59
CA THR A 444 -35.10 -11.37 -9.31
C THR A 444 -36.51 -11.94 -9.49
N SER A 445 -37.16 -11.60 -10.60
CA SER A 445 -38.48 -12.17 -10.98
C SER A 445 -38.44 -13.71 -11.17
N LEU A 446 -37.25 -14.25 -11.39
CA LEU A 446 -37.06 -15.69 -11.53
C LEU A 446 -36.74 -16.34 -10.16
N GLU A 447 -36.51 -15.50 -9.16
CA GLU A 447 -36.14 -15.98 -7.85
C GLU A 447 -37.20 -15.62 -6.81
N ASP A 448 -37.74 -16.65 -6.16
CA ASP A 448 -38.74 -16.48 -5.10
C ASP A 448 -38.21 -17.10 -3.80
N MET B 1 9.23 32.17 -3.79
CA MET B 1 9.72 32.07 -5.20
C MET B 1 10.04 30.59 -5.41
N THR B 2 11.06 30.15 -4.66
CA THR B 2 11.35 28.75 -4.38
C THR B 2 11.65 28.75 -2.88
N HIS B 3 11.78 29.97 -2.34
CA HIS B 3 11.93 30.20 -0.91
C HIS B 3 10.62 29.77 -0.25
N ASP B 4 9.51 30.11 -0.91
CA ASP B 4 8.17 29.82 -0.42
C ASP B 4 7.88 28.32 -0.50
N LEU B 5 8.36 27.67 -1.54
CA LEU B 5 8.22 26.23 -1.65
C LEU B 5 8.87 25.53 -0.46
N ILE B 6 9.98 26.10 0.02
CA ILE B 6 10.72 25.48 1.13
C ILE B 6 9.95 25.67 2.43
N GLU B 7 9.34 26.83 2.59
CA GLU B 7 8.58 27.11 3.78
C GLU B 7 7.26 26.31 3.78
N LYS B 8 6.61 26.22 2.61
CA LYS B 8 5.42 25.39 2.45
C LYS B 8 5.69 23.96 2.86
N SER B 9 6.82 23.42 2.42
CA SER B 9 7.20 22.05 2.76
C SER B 9 7.28 21.80 4.26
N LYS B 10 7.75 22.81 5.00
CA LYS B 10 7.94 22.71 6.44
C LYS B 10 6.64 22.94 7.22
N LYS B 11 5.69 23.59 6.56
CA LYS B 11 4.38 23.91 7.11
C LYS B 11 3.32 22.81 6.93
N HIS B 12 3.34 22.10 5.80
CA HIS B 12 2.25 21.16 5.47
C HIS B 12 2.60 19.69 5.35
N LEU B 13 3.89 19.35 5.33
CA LEU B 13 4.30 17.96 5.13
C LEU B 13 4.63 17.21 6.42
N TRP B 14 4.46 15.89 6.39
CA TRP B 14 4.98 15.02 7.44
C TRP B 14 5.64 13.83 6.71
N LEU B 15 6.97 13.72 6.83
CA LEU B 15 7.75 12.89 5.91
C LEU B 15 8.00 11.51 6.50
N PRO B 16 8.09 10.47 5.63
CA PRO B 16 8.28 9.11 6.07
C PRO B 16 9.66 8.91 6.64
N PHE B 17 9.75 8.12 7.70
CA PHE B 17 11.04 7.73 8.24
C PHE B 17 11.99 8.92 8.53
N THR B 18 11.43 10.02 9.02
CA THR B 18 12.25 11.20 9.26
C THR B 18 11.77 12.02 10.44
N GLN B 19 12.74 12.50 11.23
CA GLN B 19 12.49 13.49 12.25
C GLN B 19 12.39 14.88 11.60
N MET B 20 11.22 15.50 11.72
CA MET B 20 10.94 16.70 10.92
C MET B 20 11.75 17.91 11.37
N LYS B 21 12.24 17.87 12.61
CA LYS B 21 13.16 18.90 13.09
C LYS B 21 14.45 18.84 12.27
N ASP B 22 14.84 17.62 11.90
CA ASP B 22 15.98 17.37 11.04
C ASP B 22 15.73 17.88 9.64
N TYR B 23 14.52 17.62 9.12
CA TYR B 23 14.20 18.09 7.78
C TYR B 23 14.24 19.59 7.74
N ASP B 24 13.52 20.22 8.67
CA ASP B 24 13.40 21.68 8.76
C ASP B 24 14.74 22.40 8.83
N GLU B 25 15.72 21.78 9.46
CA GLU B 25 17.09 22.30 9.51
C GLU B 25 17.79 22.20 8.16
N ASN B 26 17.65 21.07 7.48
CA ASN B 26 18.30 20.90 6.17
C ASN B 26 17.31 20.46 5.12
N PRO B 27 16.45 21.37 4.69
CA PRO B 27 15.43 20.97 3.75
C PRO B 27 16.04 20.71 2.37
N LEU B 28 15.41 19.83 1.60
CA LEU B 28 15.84 19.57 0.23
C LEU B 28 14.61 19.25 -0.61
N ILE B 29 14.44 19.97 -1.72
CA ILE B 29 13.33 19.72 -2.61
C ILE B 29 13.80 19.40 -4.04
N ILE B 30 13.50 18.19 -4.51
CA ILE B 30 13.89 17.78 -5.87
C ILE B 30 12.89 18.23 -6.93
N GLU B 31 13.44 18.73 -8.04
CA GLU B 31 12.66 19.29 -9.13
C GLU B 31 12.71 18.49 -10.44
N SER B 32 13.83 17.82 -10.69
CA SER B 32 13.96 16.98 -11.89
C SER B 32 15.12 15.99 -11.73
N GLY B 33 15.16 14.99 -12.60
CA GLY B 33 16.26 14.03 -12.63
C GLY B 33 16.62 13.71 -14.08
N THR B 34 17.90 13.46 -14.34
CA THR B 34 18.34 13.09 -15.69
C THR B 34 19.56 12.20 -15.57
N GLY B 35 19.50 11.03 -16.22
CA GLY B 35 20.43 9.96 -15.93
C GLY B 35 20.35 9.55 -14.46
N ILE B 36 21.49 9.32 -13.82
CA ILE B 36 21.52 8.88 -12.42
C ILE B 36 21.63 10.03 -11.43
N LYS B 37 21.31 11.23 -11.89
CA LYS B 37 21.37 12.40 -11.00
C LYS B 37 20.03 13.12 -10.92
N VAL B 38 19.74 13.63 -9.73
CA VAL B 38 18.58 14.47 -9.50
C VAL B 38 19.05 15.91 -9.30
N LYS B 39 18.12 16.85 -9.36
CA LYS B 39 18.45 18.26 -9.33
C LYS B 39 17.46 18.92 -8.39
N ASP B 40 17.96 19.73 -7.46
CA ASP B 40 17.03 20.42 -6.57
C ASP B 40 16.50 21.71 -7.18
N ILE B 41 15.59 22.37 -6.46
CA ILE B 41 14.93 23.59 -6.94
C ILE B 41 15.91 24.77 -7.10
N ASN B 42 17.12 24.60 -6.61
CA ASN B 42 18.17 25.62 -6.73
C ASN B 42 19.13 25.32 -7.87
N GLY B 43 19.00 24.12 -8.45
CA GLY B 43 19.85 23.71 -9.56
C GLY B 43 21.04 22.88 -9.16
N LYS B 44 21.17 22.55 -7.88
CA LYS B 44 22.26 21.66 -7.45
C LYS B 44 21.95 20.22 -7.85
N GLU B 45 22.95 19.54 -8.41
CA GLU B 45 22.78 18.15 -8.83
C GLU B 45 23.44 17.17 -7.89
N TYR B 46 22.84 15.98 -7.79
CA TYR B 46 23.30 14.93 -6.89
C TYR B 46 23.20 13.59 -7.56
N TYR B 47 24.26 12.79 -7.43
CA TYR B 47 24.22 11.39 -7.76
C TYR B 47 23.16 10.75 -6.87
N ASP B 48 22.38 9.87 -7.47
CA ASP B 48 21.35 9.18 -6.74
C ASP B 48 21.98 7.87 -6.28
N GLY B 49 22.78 7.95 -5.22
CA GLY B 49 23.62 6.83 -4.83
C GLY B 49 22.87 5.75 -4.06
N PHE B 50 21.61 6.03 -3.73
CA PHE B 50 20.74 5.05 -3.08
C PHE B 50 19.55 4.64 -3.97
N SER B 51 19.61 5.04 -5.23
CA SER B 51 18.55 4.76 -6.20
C SER B 51 17.15 5.17 -5.75
N SER B 52 17.03 6.37 -5.16
CA SER B 52 15.73 6.87 -4.63
C SER B 52 15.11 5.86 -3.67
N VAL B 53 15.96 5.30 -2.81
CA VAL B 53 15.56 4.28 -1.85
C VAL B 53 15.35 2.90 -2.50
N TRP B 54 16.35 2.51 -3.31
CA TRP B 54 16.57 1.12 -3.74
C TRP B 54 15.59 0.63 -4.83
N LEU B 55 15.10 1.56 -5.64
CA LEU B 55 14.00 1.26 -6.57
C LEU B 55 14.29 1.74 -8.00
N ASN B 56 15.28 2.62 -8.14
CA ASN B 56 15.54 3.19 -9.44
C ASN B 56 16.60 2.39 -10.22
N VAL B 57 16.20 1.96 -11.42
CA VAL B 57 16.95 1.03 -12.21
C VAL B 57 17.71 1.67 -13.35
N HIS B 58 17.01 2.39 -14.21
CA HIS B 58 17.59 2.85 -15.45
C HIS B 58 18.05 4.30 -15.36
N GLY B 59 17.94 4.86 -14.15
CA GLY B 59 18.09 6.28 -13.95
C GLY B 59 16.74 6.96 -14.15
N HIS B 60 16.78 8.28 -14.22
CA HIS B 60 15.59 9.11 -14.35
C HIS B 60 15.37 9.59 -15.77
N ARG B 61 14.14 10.01 -16.05
CA ARG B 61 13.70 10.30 -17.42
C ARG B 61 14.32 9.33 -18.42
N LYS B 62 14.16 8.03 -18.13
CA LYS B 62 14.54 6.98 -19.05
C LYS B 62 13.52 6.97 -20.15
N LYS B 63 13.99 7.19 -21.37
CA LYS B 63 13.18 7.50 -22.54
C LYS B 63 12.11 6.46 -22.89
N GLU B 64 12.51 5.20 -22.92
CA GLU B 64 11.57 4.13 -23.20
C GLU B 64 10.49 4.03 -22.13
N LEU B 65 10.88 4.30 -20.89
CA LEU B 65 9.96 4.23 -19.74
C LEU B 65 8.89 5.33 -19.86
N ASP B 66 9.34 6.55 -20.11
CA ASP B 66 8.44 7.66 -20.41
C ASP B 66 7.49 7.37 -21.58
N ASP B 67 8.03 6.79 -22.64
CA ASP B 67 7.24 6.49 -23.83
C ASP B 67 6.14 5.45 -23.54
N ALA B 68 6.54 4.34 -22.91
CA ALA B 68 5.63 3.33 -22.39
C ALA B 68 4.43 3.85 -21.57
N ILE B 69 4.63 4.88 -20.74
CA ILE B 69 3.53 5.45 -19.96
C ILE B 69 2.64 6.36 -20.81
N LYS B 70 3.23 7.11 -21.74
CA LYS B 70 2.46 7.91 -22.68
C LYS B 70 1.59 7.02 -23.58
N LYS B 71 2.16 5.91 -24.03
CA LYS B 71 1.42 4.97 -24.85
C LYS B 71 0.19 4.45 -24.12
N GLN B 72 0.36 3.98 -22.88
CA GLN B 72 -0.77 3.48 -22.09
C GLN B 72 -1.80 4.58 -21.72
N LEU B 73 -1.35 5.81 -21.47
CA LEU B 73 -2.30 6.86 -21.21
C LEU B 73 -3.27 6.98 -22.36
N GLY B 74 -2.77 6.76 -23.58
CA GLY B 74 -3.59 6.83 -24.78
C GLY B 74 -4.62 5.72 -24.91
N LYS B 75 -4.71 4.84 -23.91
CA LYS B 75 -5.67 3.77 -23.94
C LYS B 75 -6.62 3.86 -22.73
N ILE B 76 -6.03 3.72 -21.54
CA ILE B 76 -6.75 3.78 -20.26
C ILE B 76 -5.73 3.76 -19.13
N ALA B 77 -5.91 4.62 -18.14
CA ALA B 77 -4.94 4.72 -17.03
C ALA B 77 -5.18 3.69 -15.93
N HIS B 78 -6.43 3.56 -15.49
CA HIS B 78 -6.78 2.48 -14.55
C HIS B 78 -8.22 1.95 -14.71
N SER B 79 -8.34 0.63 -14.83
CA SER B 79 -9.62 -0.02 -14.59
C SER B 79 -9.33 -1.18 -13.66
N THR B 80 -10.36 -1.67 -12.98
CA THR B 80 -10.15 -2.58 -11.83
C THR B 80 -9.78 -4.03 -12.19
N LEU B 81 -9.19 -4.72 -11.21
CA LEU B 81 -8.89 -6.12 -11.30
C LEU B 81 -9.77 -6.91 -10.34
N LEU B 82 -10.81 -6.28 -9.80
CA LEU B 82 -11.76 -6.98 -8.95
C LEU B 82 -12.87 -7.58 -9.82
N GLY B 83 -12.81 -8.90 -10.04
CA GLY B 83 -13.80 -9.61 -10.86
C GLY B 83 -13.47 -9.58 -12.34
N MET B 84 -12.35 -8.95 -12.67
CA MET B 84 -11.93 -8.86 -14.05
C MET B 84 -10.47 -8.45 -14.07
N THR B 85 -9.97 -8.13 -15.26
CA THR B 85 -8.59 -7.69 -15.43
C THR B 85 -8.45 -6.76 -16.63
N ASN B 86 -7.21 -6.44 -16.99
CA ASN B 86 -6.95 -5.54 -18.09
C ASN B 86 -5.74 -6.04 -18.87
N VAL B 87 -5.36 -5.38 -19.95
CA VAL B 87 -4.32 -5.96 -20.83
C VAL B 87 -2.91 -5.98 -20.21
N PRO B 88 -2.39 -4.82 -19.77
CA PRO B 88 -0.99 -4.75 -19.31
C PRO B 88 -0.75 -5.59 -18.08
N ALA B 89 -1.74 -5.62 -17.19
CA ALA B 89 -1.64 -6.47 -15.99
C ALA B 89 -1.52 -7.97 -16.35
N THR B 90 -2.28 -8.41 -17.36
CA THR B 90 -2.24 -9.80 -17.80
C THR B 90 -0.94 -10.12 -18.50
N GLN B 91 -0.51 -9.23 -19.39
CA GLN B 91 0.76 -9.39 -20.11
C GLN B 91 1.93 -9.46 -19.15
N LEU B 92 1.94 -8.51 -18.22
CA LEU B 92 3.00 -8.43 -17.22
C LEU B 92 3.07 -9.70 -16.37
N ALA B 93 1.90 -10.22 -15.98
CA ALA B 93 1.85 -11.43 -15.16
C ALA B 93 2.56 -12.59 -15.83
N GLU B 94 2.34 -12.75 -17.13
CA GLU B 94 3.06 -13.79 -17.89
C GLU B 94 4.57 -13.52 -17.95
N THR B 95 4.96 -12.27 -18.19
CA THR B 95 6.37 -11.91 -18.20
C THR B 95 7.02 -12.14 -16.83
N LEU B 96 6.32 -11.76 -15.77
CA LEU B 96 6.82 -12.00 -14.40
C LEU B 96 6.99 -13.48 -14.10
N ILE B 97 5.96 -14.28 -14.41
CA ILE B 97 6.05 -15.74 -14.28
C ILE B 97 7.26 -16.32 -15.03
N ASP B 98 7.54 -15.82 -16.25
CA ASP B 98 8.66 -16.36 -17.01
C ASP B 98 10.03 -16.16 -16.34
N ILE B 99 10.20 -15.05 -15.64
CA ILE B 99 11.53 -14.73 -15.09
C ILE B 99 11.73 -15.05 -13.61
N SER B 100 10.65 -15.37 -12.91
CA SER B 100 10.73 -15.70 -11.48
C SER B 100 11.04 -17.19 -11.31
N PRO B 101 11.44 -17.59 -10.10
CA PRO B 101 11.63 -19.01 -9.77
C PRO B 101 10.51 -19.94 -10.31
N LYS B 102 10.91 -21.01 -10.98
CA LYS B 102 10.01 -21.87 -11.76
C LYS B 102 8.72 -22.37 -11.08
N LYS B 103 8.74 -22.56 -9.76
CA LYS B 103 7.56 -23.03 -9.00
C LYS B 103 6.51 -21.96 -8.70
N LEU B 104 6.83 -20.70 -8.97
CA LEU B 104 5.89 -19.62 -8.73
C LEU B 104 5.15 -19.33 -10.03
N THR B 105 3.84 -19.57 -10.04
CA THR B 105 3.06 -19.63 -11.28
C THR B 105 1.94 -18.60 -11.24
N ARG B 106 1.82 -17.94 -10.09
CA ARG B 106 0.70 -17.03 -9.85
C ARG B 106 1.19 -15.66 -9.47
N VAL B 107 0.50 -14.64 -9.94
CA VAL B 107 0.84 -13.26 -9.67
C VAL B 107 -0.36 -12.57 -9.03
N PHE B 108 -0.18 -12.10 -7.80
CA PHE B 108 -1.17 -11.31 -7.10
C PHE B 108 -0.59 -9.90 -6.91
N TYR B 109 -1.24 -8.90 -7.50
CA TYR B 109 -0.78 -7.52 -7.43
C TYR B 109 -1.19 -6.76 -6.20
N SER B 110 -0.43 -5.71 -5.90
CA SER B 110 -0.80 -4.68 -4.91
C SER B 110 0.06 -3.46 -5.16
N ASP B 111 0.14 -2.55 -4.20
CA ASP B 111 0.73 -1.23 -4.43
C ASP B 111 2.18 -1.06 -3.95
N SER B 112 2.54 -1.79 -2.90
CA SER B 112 3.82 -1.60 -2.25
C SER B 112 4.36 -2.90 -1.67
N GLY B 113 5.65 -2.91 -1.31
CA GLY B 113 6.28 -4.08 -0.69
C GLY B 113 5.69 -4.57 0.64
N ALA B 114 5.31 -3.62 1.51
CA ALA B 114 4.63 -3.98 2.77
C ALA B 114 3.36 -4.74 2.44
N GLU B 115 2.63 -4.27 1.42
CA GLU B 115 1.39 -4.90 1.00
C GLU B 115 1.55 -6.31 0.42
N ALA B 116 2.59 -6.50 -0.38
CA ALA B 116 2.93 -7.77 -0.96
C ALA B 116 3.33 -8.75 0.14
N MET B 117 3.95 -8.25 1.20
CA MET B 117 4.34 -9.10 2.34
C MET B 117 3.14 -9.41 3.23
N GLU B 118 2.31 -8.41 3.42
CA GLU B 118 1.04 -8.50 4.13
C GLU B 118 0.14 -9.54 3.43
N ILE B 119 0.14 -9.55 2.11
CA ILE B 119 -0.59 -10.59 1.35
C ILE B 119 0.03 -12.00 1.45
N ALA B 120 1.36 -12.11 1.44
CA ALA B 120 2.03 -13.39 1.59
C ALA B 120 1.68 -14.01 2.95
N LEU B 121 1.75 -13.23 4.00
CA LEU B 121 1.40 -13.72 5.33
C LEU B 121 -0.06 -14.18 5.43
N LYS B 122 -1.00 -13.42 4.86
CA LYS B 122 -2.41 -13.81 4.89
C LYS B 122 -2.69 -15.06 4.04
N MET B 123 -2.06 -15.15 2.87
CA MET B 123 -2.15 -16.32 2.01
C MET B 123 -1.69 -17.55 2.75
N ALA B 124 -0.57 -17.43 3.44
CA ALA B 124 0.03 -18.57 4.13
C ALA B 124 -0.84 -19.01 5.32
N PHE B 125 -1.37 -18.04 6.04
CA PHE B 125 -2.30 -18.31 7.13
C PHE B 125 -3.60 -19.00 6.65
N GLN B 126 -4.19 -18.49 5.57
CA GLN B 126 -5.47 -19.01 5.05
C GLN B 126 -5.34 -20.36 4.31
N TYR B 127 -4.20 -20.60 3.68
CA TYR B 127 -3.90 -21.89 3.09
C TYR B 127 -4.15 -23.03 4.08
N TRP B 128 -3.58 -22.93 5.27
CA TRP B 128 -3.67 -24.03 6.22
C TRP B 128 -5.09 -24.16 6.76
N LYS B 129 -5.76 -23.04 6.96
CA LYS B 129 -7.15 -23.06 7.34
C LYS B 129 -7.98 -23.75 6.24
N ASN B 130 -7.83 -23.30 5.00
CA ASN B 130 -8.40 -23.94 3.81
C ASN B 130 -8.27 -25.47 3.67
N ILE B 131 -7.08 -26.00 3.95
CA ILE B 131 -6.84 -27.44 3.78
C ILE B 131 -7.03 -28.25 5.08
N GLY B 132 -7.66 -27.65 6.06
CA GLY B 132 -8.09 -28.37 7.27
C GLY B 132 -7.02 -28.48 8.34
N LYS B 133 -6.17 -27.47 8.41
CA LYS B 133 -5.09 -27.45 9.39
C LYS B 133 -5.08 -26.08 10.06
N PRO B 134 -6.04 -25.84 10.94
CA PRO B 134 -6.28 -24.51 11.50
C PRO B 134 -5.34 -24.16 12.65
N GLU B 135 -4.53 -25.12 13.10
CA GLU B 135 -3.55 -24.91 14.16
C GLU B 135 -2.30 -24.16 13.67
N LYS B 136 -2.02 -24.29 12.38
CA LYS B 136 -0.87 -23.62 11.80
C LYS B 136 -1.12 -22.13 11.62
N GLN B 137 -0.89 -21.36 12.70
CA GLN B 137 -1.17 -19.93 12.68
C GLN B 137 -0.06 -18.97 13.12
N LYS B 138 1.09 -19.52 13.52
CA LYS B 138 2.24 -18.68 13.87
C LYS B 138 3.22 -18.55 12.72
N PHE B 139 4.06 -17.51 12.80
CA PHE B 139 5.09 -17.26 11.81
C PHE B 139 6.46 -17.31 12.50
N ILE B 140 7.50 -17.60 11.73
CA ILE B 140 8.88 -17.39 12.17
C ILE B 140 9.41 -16.30 11.26
N ALA B 141 10.21 -15.40 11.82
CA ALA B 141 10.88 -14.36 11.03
C ALA B 141 12.27 -14.18 11.61
N MET B 142 13.16 -13.56 10.85
CA MET B 142 14.57 -13.64 11.16
C MET B 142 14.95 -12.40 11.93
N LYS B 143 15.88 -12.50 12.88
CA LYS B 143 16.28 -11.27 13.61
C LYS B 143 16.96 -10.30 12.66
N ASN B 144 16.86 -9.01 12.97
CA ASN B 144 17.35 -7.98 12.06
C ASN B 144 16.61 -7.94 10.70
N GLY B 145 15.47 -8.63 10.61
CA GLY B 145 14.67 -8.65 9.39
C GLY B 145 13.70 -7.46 9.29
N TYR B 146 13.30 -7.13 8.07
CA TYR B 146 12.38 -6.04 7.82
C TYR B 146 11.54 -6.37 6.60
N HIS B 147 10.23 -6.20 6.73
CA HIS B 147 9.31 -6.58 5.67
C HIS B 147 8.26 -5.52 5.41
N GLY B 148 8.49 -4.31 5.87
CA GLY B 148 7.50 -3.25 5.69
C GLY B 148 6.96 -2.65 6.97
N ASP B 149 6.04 -1.68 6.80
CA ASP B 149 5.59 -0.79 7.90
C ASP B 149 4.15 -0.97 8.39
N THR B 150 3.32 -1.62 7.59
CA THR B 150 1.97 -1.96 8.04
C THR B 150 2.06 -3.02 9.14
N ILE B 151 0.98 -3.23 9.89
CA ILE B 151 1.04 -3.98 11.17
C ILE B 151 1.36 -5.49 11.08
N GLY B 152 0.93 -6.13 9.99
CA GLY B 152 1.28 -7.53 9.74
C GLY B 152 2.77 -7.63 9.46
N ALA B 153 3.25 -6.79 8.55
CA ALA B 153 4.65 -6.75 8.17
C ALA B 153 5.54 -6.35 9.37
N VAL B 154 5.04 -5.46 10.21
CA VAL B 154 5.69 -5.12 11.49
C VAL B 154 5.75 -6.33 12.44
N SER B 155 4.67 -7.11 12.54
CA SER B 155 4.63 -8.31 13.41
C SER B 155 5.69 -9.36 13.03
N VAL B 156 6.29 -9.14 11.88
CA VAL B 156 7.22 -10.08 11.32
C VAL B 156 8.55 -9.39 11.02
N GLY B 157 8.65 -8.14 11.46
CA GLY B 157 9.89 -7.40 11.31
C GLY B 157 10.63 -7.39 12.62
N SER B 158 11.93 -7.14 12.59
CA SER B 158 12.62 -7.09 13.87
C SER B 158 13.81 -6.12 13.91
N ILE B 159 13.48 -4.90 13.52
CA ILE B 159 14.36 -3.74 13.64
C ILE B 159 13.79 -2.91 14.77
N GLU B 160 14.43 -2.93 15.93
CA GLU B 160 13.73 -2.40 17.08
C GLU B 160 13.63 -0.87 17.18
N LEU B 161 14.42 -0.15 16.38
CA LEU B 161 14.22 1.29 16.22
C LEU B 161 12.80 1.55 15.70
N PHE B 162 12.42 0.80 14.67
CA PHE B 162 11.11 0.94 14.03
C PHE B 162 9.97 0.24 14.79
N HIS B 163 10.25 -0.94 15.35
CA HIS B 163 9.17 -1.85 15.66
C HIS B 163 8.85 -2.07 17.13
N HIS B 164 9.88 -2.07 17.98
CA HIS B 164 9.69 -2.48 19.38
C HIS B 164 8.44 -1.87 20.03
N VAL B 165 8.21 -0.58 19.80
CA VAL B 165 7.08 0.11 20.42
C VAL B 165 5.69 -0.47 20.06
N TYR B 166 5.58 -1.13 18.89
CA TYR B 166 4.30 -1.64 18.40
C TYR B 166 3.97 -3.08 18.82
N GLY B 167 4.65 -3.57 19.85
CA GLY B 167 4.52 -4.97 20.25
C GLY B 167 3.12 -5.45 20.61
N PRO B 168 2.34 -4.58 21.27
CA PRO B 168 0.96 -4.84 21.68
C PRO B 168 0.00 -5.04 20.51
N LEU B 169 0.43 -4.58 19.33
CA LEU B 169 -0.35 -4.62 18.08
C LEU B 169 0.02 -5.83 17.24
N MET B 170 1.11 -6.50 17.59
CA MET B 170 1.70 -7.59 16.79
C MET B 170 1.08 -8.96 17.02
N PHE B 171 0.96 -9.74 15.95
CA PHE B 171 0.53 -11.11 16.13
C PHE B 171 1.69 -12.01 16.60
N GLU B 172 1.39 -13.27 16.91
CA GLU B 172 2.36 -14.18 17.49
C GLU B 172 3.38 -14.69 16.47
N SER B 173 4.65 -14.40 16.76
CA SER B 173 5.76 -14.70 15.88
C SER B 173 6.92 -15.27 16.72
N TYR B 174 7.74 -16.13 16.12
CA TYR B 174 9.01 -16.49 16.73
C TYR B 174 10.08 -15.72 15.97
N LYS B 175 11.14 -15.30 16.66
CA LYS B 175 12.31 -14.68 15.99
C LYS B 175 13.47 -15.66 15.94
N ALA B 176 13.87 -16.03 14.74
CA ALA B 176 15.01 -16.91 14.59
C ALA B 176 16.30 -16.13 14.34
N PRO B 177 17.42 -16.61 14.92
CA PRO B 177 18.77 -16.04 14.75
C PRO B 177 19.27 -16.15 13.33
N ILE B 178 19.80 -15.06 12.76
CA ILE B 178 20.51 -15.14 11.47
C ILE B 178 22.00 -14.93 11.68
N PRO B 179 22.82 -15.30 10.69
CA PRO B 179 24.23 -14.94 10.76
C PRO B 179 24.46 -13.45 10.57
N TYR B 180 25.27 -12.87 11.47
CA TYR B 180 25.84 -11.55 11.29
C TYR B 180 27.35 -11.73 11.53
N VAL B 181 28.04 -12.17 10.48
CA VAL B 181 29.44 -12.58 10.53
C VAL B 181 30.41 -11.48 11.03
N TYR B 182 30.16 -10.22 10.67
CA TYR B 182 31.08 -9.12 11.03
C TYR B 182 31.31 -8.95 12.53
N ARG B 183 30.28 -8.58 13.28
CA ARG B 183 30.45 -8.68 14.73
C ARG B 183 29.85 -9.96 15.28
N SER B 184 30.46 -11.03 14.78
CA SER B 184 30.27 -12.38 15.23
C SER B 184 31.26 -12.59 16.38
N GLU B 185 31.80 -13.80 16.47
CA GLU B 185 32.72 -14.18 17.54
C GLU B 185 33.83 -15.05 16.96
N SER B 186 33.44 -16.02 16.13
CA SER B 186 34.41 -16.84 15.42
C SER B 186 34.79 -16.15 14.11
N GLY B 187 33.86 -15.36 13.58
CA GLY B 187 34.06 -14.66 12.32
C GLY B 187 34.08 -15.56 11.11
N ASP B 188 33.68 -16.82 11.27
CA ASP B 188 33.63 -17.75 10.14
C ASP B 188 32.20 -17.92 9.61
N PRO B 189 32.01 -17.68 8.30
CA PRO B 189 30.71 -17.79 7.63
C PRO B 189 30.10 -19.20 7.70
N ASP B 190 30.94 -20.23 7.57
CA ASP B 190 30.47 -21.62 7.65
C ASP B 190 30.02 -21.99 9.07
N GLU B 191 30.82 -21.61 10.07
CA GLU B 191 30.49 -21.82 11.48
C GLU B 191 29.21 -21.09 11.87
N CYS B 192 29.09 -19.83 11.45
CA CYS B 192 27.91 -18.99 11.76
C CYS B 192 26.64 -19.50 11.07
N ARG B 193 26.75 -19.82 9.78
CA ARG B 193 25.67 -20.46 9.02
C ARG B 193 25.15 -21.72 9.72
N ASP B 194 26.07 -22.59 10.11
CA ASP B 194 25.72 -23.92 10.58
C ASP B 194 25.11 -23.89 11.97
N GLN B 195 25.58 -22.95 12.79
CA GLN B 195 25.05 -22.78 14.14
C GLN B 195 23.61 -22.22 14.10
N CSX B 196 23.38 -21.22 13.25
CA CSX B 196 22.07 -20.59 13.10
CB CSX B 196 22.20 -19.30 12.28
SG CSX B 196 23.08 -18.03 13.20
C CSX B 196 21.06 -21.48 12.42
O CSX B 196 19.85 -21.31 12.62
OD CSX B 196 22.74 -18.37 15.00
N LEU B 197 21.52 -22.44 11.62
CA LEU B 197 20.61 -23.38 10.99
C LEU B 197 20.21 -24.41 12.03
N ARG B 198 21.20 -24.84 12.80
CA ARG B 198 21.01 -25.79 13.89
C ARG B 198 19.91 -25.32 14.83
N GLU B 199 19.93 -24.03 15.13
CA GLU B 199 18.95 -23.41 16.02
C GLU B 199 17.58 -23.19 15.35
N LEU B 200 17.57 -22.92 14.04
CA LEU B 200 16.34 -22.92 13.23
C LEU B 200 15.64 -24.30 13.30
N ALA B 201 16.38 -25.34 12.98
CA ALA B 201 15.88 -26.70 13.02
C ALA B 201 15.27 -27.08 14.38
N GLN B 202 15.91 -26.64 15.47
CA GLN B 202 15.43 -26.99 16.82
C GLN B 202 14.14 -26.27 17.12
N LEU B 203 14.04 -25.02 16.69
CA LEU B 203 12.81 -24.25 16.79
C LEU B 203 11.70 -24.95 16.00
N LEU B 204 12.01 -25.38 14.79
CA LEU B 204 11.05 -26.05 13.91
C LEU B 204 10.61 -27.40 14.49
N GLU B 205 11.59 -28.21 14.89
CA GLU B 205 11.32 -29.51 15.51
C GLU B 205 10.31 -29.39 16.66
N GLU B 206 10.38 -28.29 17.41
CA GLU B 206 9.53 -28.11 18.57
C GLU B 206 8.13 -27.52 18.31
N HIS B 207 7.96 -26.75 17.23
CA HIS B 207 6.76 -25.91 17.06
C HIS B 207 6.15 -25.87 15.67
N HIS B 208 6.76 -26.54 14.71
CA HIS B 208 6.30 -26.48 13.32
C HIS B 208 4.81 -26.72 13.11
N GLU B 209 4.21 -27.55 13.97
CA GLU B 209 2.78 -27.83 13.88
C GLU B 209 1.91 -26.60 14.14
N GLU B 210 2.52 -25.53 14.65
CA GLU B 210 1.78 -24.32 15.00
C GLU B 210 2.13 -23.19 14.06
N ILE B 211 2.98 -23.49 13.08
CA ILE B 211 3.62 -22.45 12.28
C ILE B 211 3.22 -22.54 10.82
N ALA B 212 2.57 -21.50 10.31
CA ALA B 212 2.14 -21.47 8.93
C ALA B 212 3.27 -21.20 7.92
N ALA B 213 4.18 -20.29 8.27
CA ALA B 213 5.19 -19.80 7.35
C ALA B 213 6.39 -19.19 8.05
N LEU B 214 7.49 -19.11 7.30
CA LEU B 214 8.69 -18.44 7.73
C LEU B 214 8.97 -17.33 6.75
N SER B 215 9.34 -16.16 7.27
CA SER B 215 9.62 -15.02 6.43
C SER B 215 11.10 -14.63 6.49
N ILE B 216 11.71 -14.41 5.33
CA ILE B 216 13.13 -14.03 5.29
C ILE B 216 13.43 -13.15 4.08
N GLU B 217 14.27 -12.13 4.27
CA GLU B 217 14.81 -11.38 3.16
C GLU B 217 15.73 -12.26 2.32
N SER B 218 15.70 -12.04 1.01
CA SER B 218 16.43 -12.91 0.10
C SER B 218 17.89 -12.50 -0.02
N MET B 219 18.75 -13.22 0.69
CA MET B 219 20.22 -13.11 0.54
C MET B 219 20.83 -11.91 1.30
N VAL B 220 20.13 -10.78 1.31
CA VAL B 220 20.62 -9.57 1.97
C VAL B 220 19.52 -8.93 2.82
N GLN B 221 19.80 -8.75 4.10
CA GLN B 221 18.94 -7.94 4.94
C GLN B 221 19.33 -6.47 4.81
N GLY B 222 18.37 -5.63 4.43
CA GLY B 222 18.65 -4.26 4.00
C GLY B 222 18.61 -3.17 5.05
N ALA B 223 17.45 -3.00 5.67
CA ALA B 223 17.24 -1.96 6.68
C ALA B 223 18.11 -2.23 7.90
N SER B 224 18.61 -3.45 8.01
CA SER B 224 19.46 -3.84 9.12
C SER B 224 20.92 -3.47 8.91
N GLY B 225 21.29 -3.08 7.69
CA GLY B 225 22.65 -2.68 7.44
C GLY B 225 23.32 -3.38 6.28
N MET B 226 22.53 -3.88 5.35
CA MET B 226 23.07 -4.59 4.19
C MET B 226 23.97 -5.71 4.63
N ILE B 227 23.41 -6.59 5.46
CA ILE B 227 24.10 -7.76 6.01
C ILE B 227 23.84 -8.92 5.03
N VAL B 228 24.91 -9.37 4.36
CA VAL B 228 24.82 -10.42 3.35
C VAL B 228 24.92 -11.83 3.98
N MET B 229 24.01 -12.72 3.59
CA MET B 229 23.94 -14.02 4.19
C MET B 229 25.08 -14.87 3.70
N PRO B 230 25.62 -15.71 4.58
CA PRO B 230 26.74 -16.55 4.17
C PRO B 230 26.28 -17.59 3.17
N GLU B 231 27.18 -18.00 2.27
CA GLU B 231 26.87 -19.04 1.29
C GLU B 231 26.26 -20.29 1.92
N GLY B 232 25.09 -20.67 1.41
CA GLY B 232 24.45 -21.91 1.78
C GLY B 232 23.39 -21.74 2.85
N TYR B 233 23.34 -20.55 3.44
CA TYR B 233 22.37 -20.28 4.50
C TYR B 233 20.90 -20.32 4.04
N LEU B 234 20.58 -19.53 3.03
CA LEU B 234 19.24 -19.41 2.46
C LEU B 234 18.69 -20.75 1.95
N ALA B 235 19.57 -21.55 1.34
CA ALA B 235 19.19 -22.83 0.79
C ALA B 235 18.98 -23.80 1.95
N GLY B 236 19.63 -23.49 3.06
CA GLY B 236 19.51 -24.26 4.28
C GLY B 236 18.19 -23.97 4.98
N VAL B 237 17.71 -22.73 4.92
CA VAL B 237 16.41 -22.42 5.49
C VAL B 237 15.28 -23.00 4.61
N ARG B 238 15.47 -22.97 3.30
CA ARG B 238 14.51 -23.59 2.38
C ARG B 238 14.28 -25.07 2.72
N GLU B 239 15.37 -25.82 2.95
CA GLU B 239 15.29 -27.25 3.23
C GLU B 239 14.58 -27.50 4.57
N LEU B 240 14.96 -26.74 5.58
CA LEU B 240 14.33 -26.83 6.89
C LEU B 240 12.83 -26.53 6.81
N CYS B 241 12.46 -25.53 6.03
CA CYS B 241 11.05 -25.18 5.86
C CYS B 241 10.28 -26.30 5.17
N THR B 242 10.85 -26.83 4.10
CA THR B 242 10.24 -27.96 3.39
C THR B 242 10.06 -29.19 4.32
N THR B 243 11.10 -29.50 5.08
CA THR B 243 11.13 -30.65 5.97
C THR B 243 10.12 -30.56 7.13
N TYR B 244 9.81 -29.34 7.57
CA TYR B 244 8.91 -29.21 8.72
C TYR B 244 7.54 -28.65 8.33
N ASP B 245 7.29 -28.64 7.03
CA ASP B 245 5.98 -28.30 6.47
C ASP B 245 5.59 -26.86 6.81
N VAL B 246 6.54 -25.95 6.63
CA VAL B 246 6.35 -24.52 6.82
C VAL B 246 6.52 -23.81 5.48
N LEU B 247 5.58 -22.96 5.08
CA LEU B 247 5.76 -22.25 3.81
C LEU B 247 6.88 -21.21 3.93
N MET B 248 7.66 -21.03 2.87
CA MET B 248 8.75 -20.08 2.91
C MET B 248 8.42 -18.83 2.11
N ILE B 249 8.34 -17.72 2.83
CA ILE B 249 8.08 -16.45 2.21
C ILE B 249 9.40 -15.79 2.02
N VAL B 250 9.75 -15.50 0.76
CA VAL B 250 11.00 -14.84 0.48
C VAL B 250 10.68 -13.44 0.06
N ASP B 251 11.28 -12.48 0.78
CA ASP B 251 11.17 -11.07 0.48
C ASP B 251 12.26 -10.58 -0.47
N GLU B 252 11.86 -10.35 -1.72
CA GLU B 252 12.71 -9.76 -2.74
C GLU B 252 12.39 -8.30 -3.06
N VAL B 253 11.76 -7.55 -2.14
CA VAL B 253 11.38 -6.17 -2.47
C VAL B 253 12.60 -5.26 -2.75
N ALA B 254 13.68 -5.45 -2.01
CA ALA B 254 14.92 -4.67 -2.26
C ALA B 254 15.87 -5.37 -3.24
N THR B 255 15.97 -6.68 -3.12
CA THR B 255 16.92 -7.49 -3.90
C THR B 255 16.43 -7.83 -5.31
N GLY B 256 15.11 -7.75 -5.52
CA GLY B 256 14.53 -8.08 -6.80
C GLY B 256 14.97 -7.21 -7.97
N PHE B 257 14.87 -7.80 -9.16
CA PHE B 257 15.12 -7.09 -10.42
C PHE B 257 16.54 -6.57 -10.54
N GLY B 258 17.50 -7.49 -10.57
CA GLY B 258 18.90 -7.18 -10.90
C GLY B 258 19.81 -6.65 -9.80
N ARG B 259 19.20 -6.17 -8.70
CA ARG B 259 19.94 -5.49 -7.62
C ARG B 259 21.20 -6.23 -7.13
N THR B 260 21.11 -7.55 -6.99
CA THR B 260 22.25 -8.31 -6.49
C THR B 260 22.98 -9.02 -7.63
N GLY B 261 22.81 -8.53 -8.85
CA GLY B 261 23.43 -9.15 -10.00
C GLY B 261 22.81 -10.48 -10.42
N LYS B 262 21.61 -10.77 -9.91
CA LYS B 262 20.72 -11.79 -10.50
C LYS B 262 19.39 -11.07 -10.71
N MET B 263 18.46 -11.69 -11.43
CA MET B 263 17.14 -11.05 -11.59
C MET B 263 16.44 -11.02 -10.24
N PHE B 264 16.34 -12.19 -9.62
CA PHE B 264 15.94 -12.31 -8.21
C PHE B 264 17.08 -12.95 -7.42
N ALA B 265 17.29 -12.50 -6.19
CA ALA B 265 18.45 -12.91 -5.41
C ALA B 265 18.47 -14.38 -4.98
N CYS B 266 17.31 -15.04 -4.90
CA CYS B 266 17.32 -16.48 -4.53
C CYS B 266 17.86 -17.40 -5.64
N GLU B 267 18.20 -16.80 -6.77
CA GLU B 267 18.93 -17.47 -7.83
C GLU B 267 20.37 -17.83 -7.45
N HIS B 268 21.00 -17.04 -6.56
CA HIS B 268 22.37 -17.34 -6.10
C HIS B 268 22.51 -18.76 -5.55
N GLU B 269 21.47 -19.25 -4.88
CA GLU B 269 21.50 -20.55 -4.24
C GLU B 269 20.42 -21.48 -4.80
N ASN B 270 19.84 -21.04 -5.90
CA ASN B 270 18.73 -21.72 -6.54
C ASN B 270 17.61 -22.09 -5.57
N VAL B 271 17.13 -21.14 -4.76
CA VAL B 271 15.97 -21.46 -3.94
C VAL B 271 14.58 -21.15 -4.56
N GLN B 272 13.63 -22.05 -4.27
CA GLN B 272 12.27 -21.95 -4.73
C GLN B 272 11.40 -21.59 -3.55
N PRO B 273 10.94 -20.33 -3.50
CA PRO B 273 10.04 -19.85 -2.45
C PRO B 273 8.68 -20.51 -2.62
N ASP B 274 7.87 -20.56 -1.55
CA ASP B 274 6.47 -20.88 -1.69
C ASP B 274 5.72 -19.57 -2.03
N LEU B 275 6.12 -18.49 -1.37
CA LEU B 275 5.54 -17.19 -1.62
C LEU B 275 6.68 -16.23 -1.77
N MET B 276 6.54 -15.24 -2.64
CA MET B 276 7.64 -14.30 -2.87
C MET B 276 7.14 -12.89 -3.14
N ALA B 277 7.70 -11.94 -2.41
CA ALA B 277 7.30 -10.55 -2.50
C ALA B 277 8.30 -9.79 -3.34
N ALA B 278 7.80 -8.77 -4.03
CA ALA B 278 8.58 -7.95 -4.93
C ALA B 278 7.91 -6.58 -5.06
N GLY B 279 8.70 -5.57 -5.41
CA GLY B 279 8.21 -4.23 -5.54
C GLY B 279 9.36 -3.37 -5.99
N LYS B 280 9.45 -2.17 -5.43
CA LYS B 280 10.50 -1.20 -5.72
C LYS B 280 10.89 -1.09 -7.20
N GLY B 281 11.98 -1.74 -7.58
CA GLY B 281 12.47 -1.66 -8.96
C GLY B 281 11.69 -2.42 -10.03
N ILE B 282 10.52 -2.96 -9.69
CA ILE B 282 9.65 -3.64 -10.68
C ILE B 282 9.20 -2.70 -11.80
N THR B 283 8.95 -1.44 -11.46
CA THR B 283 8.49 -0.44 -12.41
C THR B 283 9.64 0.41 -12.95
N GLY B 284 10.88 -0.02 -12.66
CA GLY B 284 12.05 0.80 -12.95
C GLY B 284 12.23 1.86 -11.90
N GLY B 285 11.28 1.93 -10.95
CA GLY B 285 11.28 2.96 -9.93
C GLY B 285 10.45 4.16 -10.30
N TYR B 286 9.43 3.94 -11.12
CA TYR B 286 8.60 5.05 -11.60
C TYR B 286 7.28 5.16 -10.84
N LEU B 287 6.69 4.02 -10.51
CA LEU B 287 5.30 3.95 -10.03
C LEU B 287 5.12 2.85 -9.01
N PRO B 288 4.15 3.02 -8.08
CA PRO B 288 3.88 1.96 -7.08
C PRO B 288 3.14 0.72 -7.63
N ILE B 289 3.88 -0.37 -7.84
CA ILE B 289 3.34 -1.69 -8.14
C ILE B 289 4.07 -2.71 -7.29
N ALA B 290 3.36 -3.74 -6.86
CA ALA B 290 3.99 -4.77 -6.07
C ALA B 290 3.33 -6.08 -6.40
N VAL B 291 4.01 -7.17 -6.04
CA VAL B 291 3.55 -8.47 -6.42
C VAL B 291 3.83 -9.46 -5.33
N THR B 292 2.90 -10.39 -5.15
CA THR B 292 3.15 -11.59 -4.39
C THR B 292 2.98 -12.78 -5.35
N PHE B 293 4.05 -13.53 -5.53
CA PHE B 293 4.01 -14.74 -6.32
C PHE B 293 3.63 -15.89 -5.41
N ALA B 294 2.93 -16.86 -5.98
CA ALA B 294 2.58 -18.06 -5.26
C ALA B 294 2.75 -19.25 -6.19
N THR B 295 2.91 -20.41 -5.57
CA THR B 295 2.88 -21.68 -6.24
C THR B 295 1.45 -22.04 -6.63
N GLU B 296 1.31 -23.01 -7.52
CA GLU B 296 0.01 -23.45 -7.97
C GLU B 296 -0.68 -24.18 -6.82
N ASP B 297 0.08 -24.96 -6.04
CA ASP B 297 -0.50 -25.69 -4.90
C ASP B 297 -1.19 -24.73 -3.94
N ILE B 298 -0.54 -23.60 -3.64
CA ILE B 298 -1.17 -22.57 -2.81
C ILE B 298 -2.42 -21.99 -3.47
N TYR B 299 -2.31 -21.62 -4.73
CA TYR B 299 -3.40 -21.02 -5.49
C TYR B 299 -4.67 -21.90 -5.43
N LYS B 300 -4.53 -23.21 -5.61
CA LYS B 300 -5.73 -24.06 -5.71
C LYS B 300 -6.40 -24.37 -4.37
N ALA B 301 -5.68 -24.19 -3.26
CA ALA B 301 -6.28 -24.24 -1.93
C ALA B 301 -7.40 -23.21 -1.80
N PHE B 302 -7.38 -22.19 -2.67
CA PHE B 302 -8.36 -21.09 -2.68
C PHE B 302 -9.33 -21.17 -3.87
N TYR B 303 -9.17 -22.19 -4.70
CA TYR B 303 -9.99 -22.36 -5.90
C TYR B 303 -11.09 -23.40 -5.68
N ASP B 304 -12.35 -22.97 -5.74
CA ASP B 304 -13.43 -23.84 -5.36
C ASP B 304 -14.71 -23.09 -5.63
N ASP B 305 -15.84 -23.79 -5.63
CA ASP B 305 -17.15 -23.14 -5.64
C ASP B 305 -17.21 -22.05 -4.58
N TYR B 306 -17.99 -21.01 -4.83
CA TYR B 306 -17.94 -19.82 -4.00
C TYR B 306 -18.50 -19.99 -2.59
N GLU B 307 -19.53 -20.80 -2.39
CA GLU B 307 -20.02 -21.00 -1.01
C GLU B 307 -19.30 -22.13 -0.26
N ASN B 308 -18.27 -22.68 -0.89
CA ASN B 308 -17.31 -23.58 -0.21
C ASN B 308 -16.26 -22.82 0.58
N LEU B 309 -16.29 -21.50 0.47
CA LEU B 309 -15.60 -20.59 1.37
C LEU B 309 -14.07 -20.62 1.30
N LYS B 310 -13.54 -20.90 0.10
CA LYS B 310 -12.10 -20.98 -0.13
C LYS B 310 -11.45 -19.64 -0.51
N THR B 311 -12.27 -18.67 -0.92
CA THR B 311 -11.80 -17.43 -1.56
C THR B 311 -10.87 -16.57 -0.68
N PHE B 312 -9.80 -16.05 -1.29
CA PHE B 312 -8.93 -15.06 -0.63
C PHE B 312 -9.56 -13.64 -0.65
N PHE B 313 -10.07 -13.21 0.49
CA PHE B 313 -10.78 -11.93 0.52
C PHE B 313 -9.85 -10.76 0.83
N HIS B 314 -8.99 -10.46 -0.15
CA HIS B 314 -8.02 -9.39 -0.03
C HIS B 314 -7.89 -8.72 -1.42
N GLY B 315 -7.58 -7.43 -1.46
CA GLY B 315 -7.32 -6.73 -2.72
C GLY B 315 -7.43 -5.20 -2.68
N HIS B 316 -6.34 -4.49 -2.96
CA HIS B 316 -6.37 -3.04 -2.98
C HIS B 316 -6.98 -2.44 -4.24
N SER B 317 -7.52 -1.22 -4.12
CA SER B 317 -8.27 -0.66 -5.23
C SER B 317 -7.44 -0.40 -6.48
N TYR B 318 -6.15 -0.10 -6.32
CA TYR B 318 -5.28 0.13 -7.49
C TYR B 318 -4.56 -1.10 -8.02
N THR B 319 -4.85 -2.25 -7.41
CA THR B 319 -4.34 -3.55 -7.86
C THR B 319 -4.32 -3.66 -9.39
N GLY B 320 -3.15 -3.92 -9.95
CA GLY B 320 -2.98 -4.04 -11.41
C GLY B 320 -3.12 -2.78 -12.26
N ASN B 321 -2.89 -1.62 -11.66
CA ASN B 321 -2.84 -0.33 -12.36
C ASN B 321 -2.16 -0.38 -13.75
N GLN B 322 -2.90 -0.10 -14.81
CA GLN B 322 -2.33 -0.15 -16.15
C GLN B 322 -1.07 0.72 -16.35
N LEU B 323 -1.10 1.96 -15.85
CA LEU B 323 0.09 2.83 -15.92
C LEU B 323 1.30 2.17 -15.26
N GLY B 324 1.14 1.68 -14.03
CA GLY B 324 2.20 0.93 -13.33
C GLY B 324 2.66 -0.29 -14.09
N CYS B 325 1.70 -1.09 -14.56
CA CYS B 325 2.01 -2.34 -15.23
C CYS B 325 2.66 -2.13 -16.58
N ALA B 326 2.26 -1.06 -17.27
CA ALA B 326 2.82 -0.70 -18.58
C ALA B 326 4.29 -0.32 -18.47
N VAL B 327 4.64 0.44 -17.44
CA VAL B 327 6.01 0.88 -17.26
C VAL B 327 6.86 -0.26 -16.71
N ALA B 328 6.24 -1.13 -15.92
CA ALA B 328 6.89 -2.37 -15.49
C ALA B 328 7.18 -3.28 -16.72
N LEU B 329 6.19 -3.41 -17.60
CA LEU B 329 6.39 -4.16 -18.82
C LEU B 329 7.59 -3.65 -19.64
N GLU B 330 7.72 -2.32 -19.78
CA GLU B 330 8.86 -1.76 -20.51
C GLU B 330 10.19 -1.94 -19.77
N ASN B 331 10.17 -1.76 -18.45
CA ASN B 331 11.32 -2.02 -17.60
C ASN B 331 11.95 -3.40 -17.92
N LEU B 332 11.09 -4.40 -17.99
CA LEU B 332 11.54 -5.76 -18.13
C LEU B 332 12.04 -6.01 -19.54
N ALA B 333 11.50 -5.28 -20.51
CA ALA B 333 12.06 -5.31 -21.87
C ALA B 333 13.46 -4.67 -21.91
N LEU B 334 13.67 -3.63 -21.11
CA LEU B 334 14.99 -3.03 -20.94
C LEU B 334 16.02 -4.00 -20.28
N PHE B 335 15.60 -4.74 -19.26
CA PHE B 335 16.46 -5.79 -18.70
C PHE B 335 16.94 -6.73 -19.80
N GLU B 336 16.03 -7.07 -20.70
CA GLU B 336 16.31 -8.02 -21.75
C GLU B 336 17.18 -7.37 -22.82
N SER B 337 16.76 -6.21 -23.32
CA SER B 337 17.47 -5.56 -24.43
C SER B 337 18.81 -4.95 -24.03
N GLU B 338 18.95 -4.61 -22.76
CA GLU B 338 20.17 -4.00 -22.25
C GLU B 338 21.09 -5.08 -21.67
N ASN B 339 20.52 -6.20 -21.30
CA ASN B 339 21.27 -7.22 -20.56
C ASN B 339 21.71 -6.68 -19.20
N ILE B 340 20.84 -5.87 -18.60
CA ILE B 340 21.06 -5.24 -17.29
C ILE B 340 21.67 -6.15 -16.23
N VAL B 341 21.08 -7.33 -16.00
CA VAL B 341 21.59 -8.22 -14.95
C VAL B 341 23.06 -8.59 -15.14
N GLU B 342 23.42 -8.93 -16.38
CA GLU B 342 24.81 -9.26 -16.72
C GLU B 342 25.79 -8.12 -16.51
N GLN B 343 25.36 -6.91 -16.82
CA GLN B 343 26.19 -5.71 -16.68
C GLN B 343 26.44 -5.38 -15.21
N VAL B 344 25.42 -5.62 -14.37
CA VAL B 344 25.53 -5.44 -12.92
C VAL B 344 26.54 -6.39 -12.31
N ALA B 345 26.44 -7.67 -12.69
CA ALA B 345 27.40 -8.72 -12.35
C ALA B 345 28.84 -8.40 -12.78
N GLU B 346 29.03 -7.91 -14.01
CA GLU B 346 30.35 -7.47 -14.51
C GLU B 346 30.91 -6.29 -13.73
N LYS B 347 30.14 -5.21 -13.67
CA LYS B 347 30.52 -3.96 -13.01
C LYS B 347 30.82 -4.12 -11.51
N SER B 348 30.20 -5.13 -10.89
CA SER B 348 30.38 -5.38 -9.46
C SER B 348 31.75 -5.94 -9.08
N LYS B 349 32.50 -6.41 -10.07
CA LYS B 349 33.84 -6.97 -9.83
C LYS B 349 34.78 -5.85 -9.44
N LYS B 350 34.90 -4.88 -10.34
CA LYS B 350 35.69 -3.67 -10.11
C LYS B 350 35.15 -2.85 -8.93
N LEU B 351 33.82 -2.72 -8.84
CA LEU B 351 33.19 -2.05 -7.69
C LEU B 351 33.72 -2.69 -6.42
N HIS B 352 33.89 -4.00 -6.44
CA HIS B 352 34.39 -4.71 -5.26
C HIS B 352 35.69 -4.15 -4.74
N PHE B 353 36.66 -3.93 -5.63
CA PHE B 353 37.96 -3.36 -5.25
C PHE B 353 37.82 -1.91 -4.82
N LEU B 354 36.96 -1.18 -5.52
CA LEU B 354 36.67 0.22 -5.17
C LEU B 354 36.18 0.33 -3.72
N LEU B 355 35.30 -0.58 -3.31
CA LEU B 355 34.77 -0.63 -1.93
C LEU B 355 35.72 -1.22 -0.89
N GLN B 356 36.57 -2.16 -1.29
CA GLN B 356 37.50 -2.74 -0.33
C GLN B 356 38.55 -1.70 0.09
N ASP B 357 38.81 -0.74 -0.80
CA ASP B 357 39.77 0.31 -0.53
C ASP B 357 39.33 1.24 0.61
N LEU B 358 38.03 1.44 0.79
CA LEU B 358 37.51 2.23 1.92
C LEU B 358 38.06 1.74 3.27
N HIS B 359 38.36 0.45 3.38
CA HIS B 359 39.00 -0.15 4.56
C HIS B 359 40.26 0.60 4.99
N ALA B 360 40.88 1.31 4.04
CA ALA B 360 42.04 2.15 4.33
C ALA B 360 41.70 3.28 5.30
N LEU B 361 40.42 3.63 5.39
CA LEU B 361 39.96 4.65 6.34
C LEU B 361 39.92 4.08 7.75
N PRO B 362 40.48 4.82 8.70
CA PRO B 362 40.48 4.43 10.12
C PRO B 362 39.10 4.03 10.69
N HIS B 363 38.02 4.67 10.28
CA HIS B 363 36.74 4.41 10.93
C HIS B 363 35.76 3.54 10.13
N VAL B 364 36.26 2.89 9.08
CA VAL B 364 35.50 1.92 8.29
C VAL B 364 35.83 0.55 8.86
N GLY B 365 34.81 -0.18 9.29
CA GLY B 365 35.01 -1.50 9.91
C GLY B 365 34.72 -2.66 8.97
N ASP B 366 33.64 -2.54 8.21
CA ASP B 366 33.24 -3.64 7.34
C ASP B 366 32.72 -3.08 6.03
N ILE B 367 32.92 -3.83 4.96
CA ILE B 367 32.40 -3.45 3.67
C ILE B 367 31.62 -4.65 3.17
N ARG B 368 30.33 -4.45 2.89
CA ARG B 368 29.50 -5.56 2.47
C ARG B 368 28.97 -5.31 1.07
N GLN B 369 28.92 -6.36 0.26
CA GLN B 369 28.51 -6.20 -1.13
C GLN B 369 28.01 -7.49 -1.73
N LEU B 370 26.81 -7.43 -2.28
CA LEU B 370 26.37 -8.44 -3.21
C LEU B 370 25.78 -7.71 -4.42
N GLY B 371 26.54 -7.71 -5.52
CA GLY B 371 26.18 -6.97 -6.71
C GLY B 371 26.28 -5.48 -6.46
N PHE B 372 25.17 -4.77 -6.73
CA PHE B 372 25.06 -3.34 -6.52
C PHE B 372 24.35 -3.06 -5.19
N MET B 373 24.31 -4.04 -4.30
CA MET B 373 23.74 -3.88 -2.95
C MET B 373 24.86 -3.84 -1.91
N CYS B 374 25.24 -2.65 -1.45
CA CYS B 374 26.39 -2.51 -0.57
C CYS B 374 26.19 -1.63 0.67
N GLY B 375 26.95 -1.91 1.72
CA GLY B 375 27.03 -1.03 2.87
C GLY B 375 28.41 -0.94 3.50
N ALA B 376 28.78 0.28 3.90
CA ALA B 376 30.01 0.55 4.63
C ALA B 376 29.69 0.74 6.11
N GLU B 377 29.99 -0.24 6.95
CA GLU B 377 29.72 -0.08 8.37
C GLU B 377 30.82 0.74 9.05
N LEU B 378 30.43 1.89 9.59
CA LEU B 378 31.34 2.80 10.28
C LEU B 378 31.46 2.47 11.75
N VAL B 379 32.66 2.68 12.26
CA VAL B 379 33.05 2.05 13.48
C VAL B 379 33.98 3.05 14.16
N ARG B 380 33.88 3.26 15.47
CA ARG B 380 34.90 4.08 16.13
C ARG B 380 36.21 3.35 16.43
N SER B 381 36.21 2.01 16.28
CA SER B 381 37.44 1.23 16.38
C SER B 381 37.39 -0.07 15.56
N LYS B 382 38.22 -0.20 14.52
CA LYS B 382 38.23 -1.43 13.69
C LYS B 382 38.73 -2.67 14.45
N GLU B 383 39.95 -2.59 14.95
CA GLU B 383 40.45 -3.37 16.09
C GLU B 383 39.38 -3.92 17.08
N THR B 384 38.63 -3.01 17.71
CA THR B 384 37.55 -3.36 18.65
C THR B 384 36.27 -3.79 17.94
N LYS B 385 35.96 -3.11 16.83
CA LYS B 385 34.62 -3.05 16.24
C LYS B 385 33.58 -2.34 17.11
N GLU B 386 34.03 -1.65 18.15
CA GLU B 386 33.09 -0.90 18.95
C GLU B 386 32.56 0.23 18.08
N PRO B 387 31.23 0.40 18.05
CA PRO B 387 30.62 1.48 17.31
C PRO B 387 30.65 2.77 18.11
N TYR B 388 30.61 3.89 17.41
CA TYR B 388 30.41 5.19 17.99
C TYR B 388 29.09 5.18 18.76
N PRO B 389 29.00 5.92 19.88
CA PRO B 389 27.67 6.08 20.49
C PRO B 389 26.66 6.65 19.47
N ALA B 390 25.40 6.23 19.56
CA ALA B 390 24.41 6.60 18.56
C ALA B 390 24.20 8.10 18.53
N ASP B 391 24.38 8.72 19.70
CA ASP B 391 24.15 10.13 19.88
C ASP B 391 25.16 11.00 19.18
N ARG B 392 26.19 10.44 18.57
CA ARG B 392 27.02 11.27 17.71
C ARG B 392 26.65 11.24 16.24
N ARG B 393 25.59 10.50 15.92
CA ARG B 393 24.88 10.72 14.65
C ARG B 393 25.81 10.56 13.46
N ILE B 394 26.76 9.64 13.55
CA ILE B 394 27.82 9.54 12.54
C ILE B 394 27.26 9.23 11.14
N GLY B 395 26.39 8.23 11.04
CA GLY B 395 25.74 7.92 9.76
C GLY B 395 24.97 9.11 9.20
N TYR B 396 24.20 9.77 10.06
CA TYR B 396 23.46 10.96 9.65
C TYR B 396 24.36 12.09 9.11
N LYS B 397 25.41 12.40 9.88
CA LYS B 397 26.37 13.42 9.49
C LYS B 397 27.02 13.06 8.14
N VAL B 398 27.37 11.79 7.97
CA VAL B 398 27.97 11.35 6.71
C VAL B 398 27.00 11.58 5.54
N SER B 399 25.72 11.27 5.72
CA SER B 399 24.75 11.51 4.65
C SER B 399 24.71 12.99 4.22
N LEU B 400 24.65 13.87 5.20
CA LEU B 400 24.67 15.33 4.97
C LEU B 400 25.95 15.82 4.27
N LYS B 401 27.10 15.33 4.74
CA LYS B 401 28.35 15.57 4.03
C LYS B 401 28.31 15.10 2.57
N MET B 402 27.80 13.89 2.32
CA MET B 402 27.72 13.40 0.95
C MET B 402 26.82 14.29 0.10
N ARG B 403 25.74 14.74 0.71
CA ARG B 403 24.80 15.62 0.05
C ARG B 403 25.40 16.95 -0.43
N GLU B 404 26.17 17.62 0.43
CA GLU B 404 26.81 18.85 0.01
C GLU B 404 27.89 18.54 -1.02
N LEU B 405 28.53 17.37 -0.85
CA LEU B 405 29.44 16.83 -1.86
C LEU B 405 28.75 16.34 -3.17
N GLY B 406 27.43 16.36 -3.21
CA GLY B 406 26.73 16.08 -4.46
C GLY B 406 26.36 14.62 -4.69
N MET B 407 25.97 13.94 -3.63
CA MET B 407 25.59 12.55 -3.69
C MET B 407 24.57 12.22 -2.61
N LEU B 408 23.48 11.57 -3.02
CA LEU B 408 22.41 11.23 -2.11
C LEU B 408 22.46 9.79 -1.62
N THR B 409 22.34 9.59 -0.30
CA THR B 409 22.14 8.27 0.29
C THR B 409 21.61 8.38 1.71
N ARG B 410 21.23 7.25 2.26
CA ARG B 410 20.76 7.18 3.63
C ARG B 410 21.50 6.11 4.40
N PRO B 411 21.84 6.41 5.65
CA PRO B 411 22.55 5.41 6.45
C PRO B 411 21.56 4.47 7.11
N LEU B 412 22.03 3.29 7.48
CA LEU B 412 21.27 2.35 8.26
C LEU B 412 22.01 2.24 9.57
N GLY B 413 21.59 3.05 10.53
CA GLY B 413 22.37 3.28 11.77
C GLY B 413 23.64 3.98 11.37
N ASP B 414 24.78 3.35 11.66
CA ASP B 414 26.07 3.88 11.23
C ASP B 414 26.62 3.12 10.00
N VAL B 415 25.73 2.47 9.28
CA VAL B 415 26.11 1.80 8.04
C VAL B 415 25.72 2.74 6.92
N ILE B 416 26.68 3.06 6.06
CA ILE B 416 26.38 3.92 4.93
C ILE B 416 25.94 3.03 3.79
N ALA B 417 24.70 3.22 3.33
CA ALA B 417 24.21 2.41 2.21
C ALA B 417 24.73 2.90 0.87
N PHE B 418 24.98 1.95 -0.04
CA PHE B 418 25.34 2.27 -1.41
C PHE B 418 24.63 1.30 -2.35
N LEU B 419 23.53 1.78 -2.91
CA LEU B 419 22.73 1.02 -3.84
C LEU B 419 22.55 1.96 -5.05
N PRO B 420 23.57 2.01 -5.92
CA PRO B 420 23.51 2.91 -7.07
C PRO B 420 22.60 2.30 -8.14
N PRO B 421 22.04 3.15 -9.02
CA PRO B 421 21.15 2.64 -10.07
C PRO B 421 21.84 1.57 -10.91
N LEU B 422 21.06 0.63 -11.44
CA LEU B 422 21.61 -0.48 -12.21
C LEU B 422 22.27 -0.03 -13.50
N ALA B 423 21.74 1.03 -14.11
CA ALA B 423 22.33 1.63 -15.30
C ALA B 423 23.67 2.34 -15.06
N SER B 424 24.10 2.42 -13.79
CA SER B 424 25.36 3.09 -13.44
C SER B 424 26.54 2.51 -14.19
N THR B 425 27.34 3.44 -14.69
CA THR B 425 28.49 3.21 -15.51
C THR B 425 29.68 2.97 -14.59
N ALA B 426 30.71 2.30 -15.10
CA ALA B 426 31.89 2.04 -14.30
C ALA B 426 32.52 3.33 -13.73
N GLU B 427 32.51 4.40 -14.52
CA GLU B 427 33.04 5.70 -14.09
C GLU B 427 32.12 6.43 -13.10
N GLU B 428 30.83 6.31 -13.29
CA GLU B 428 29.85 6.84 -12.34
C GLU B 428 30.02 6.14 -11.01
N LEU B 429 30.22 4.83 -11.05
CA LEU B 429 30.44 4.06 -9.82
C LEU B 429 31.65 4.53 -9.05
N SER B 430 32.77 4.73 -9.73
CA SER B 430 33.98 5.15 -9.02
C SER B 430 33.88 6.60 -8.57
N GLU B 431 33.19 7.43 -9.35
CA GLU B 431 32.90 8.81 -8.95
C GLU B 431 32.05 8.90 -7.67
N MET B 432 31.19 7.90 -7.47
CA MET B 432 30.31 7.84 -6.29
C MET B 432 30.99 7.24 -5.08
N VAL B 433 31.85 6.25 -5.31
CA VAL B 433 32.64 5.67 -4.23
C VAL B 433 33.58 6.74 -3.65
N ALA B 434 34.09 7.60 -4.55
CA ALA B 434 35.06 8.64 -4.19
C ALA B 434 34.47 9.69 -3.28
N ILE B 435 33.24 10.11 -3.59
CA ILE B 435 32.51 11.06 -2.78
C ILE B 435 32.18 10.46 -1.42
N MET B 436 31.73 9.21 -1.44
CA MET B 436 31.44 8.50 -0.22
C MET B 436 32.67 8.37 0.68
N LYS B 437 33.81 8.06 0.06
CA LYS B 437 35.06 7.93 0.82
C LYS B 437 35.46 9.26 1.44
N GLN B 438 35.43 10.34 0.63
CA GLN B 438 35.74 11.69 1.09
C GLN B 438 34.85 12.10 2.25
N ALA B 439 33.56 11.77 2.16
CA ALA B 439 32.59 12.14 3.20
C ALA B 439 32.84 11.42 4.51
N ILE B 440 33.01 10.09 4.44
CA ILE B 440 33.30 9.28 5.64
C ILE B 440 34.54 9.87 6.35
N HIS B 441 35.58 10.16 5.58
CA HIS B 441 36.78 10.73 6.14
C HIS B 441 36.58 12.10 6.76
N GLU B 442 36.08 13.07 5.99
CA GLU B 442 35.86 14.41 6.54
C GLU B 442 35.03 14.43 7.84
N VAL B 443 33.94 13.66 7.86
CA VAL B 443 33.09 13.62 9.05
C VAL B 443 33.83 12.88 10.16
N THR B 444 34.36 11.72 9.80
CA THR B 444 34.84 10.75 10.76
C THR B 444 36.25 11.06 11.31
N SER B 445 37.07 11.77 10.55
CA SER B 445 38.38 12.24 11.07
C SER B 445 38.24 13.23 12.24
N LEU B 446 37.03 13.71 12.49
CA LEU B 446 36.81 14.58 13.64
C LEU B 446 35.98 13.87 14.72
N GLU B 447 35.80 12.56 14.55
CA GLU B 447 34.72 11.76 15.18
C GLU B 447 33.40 12.51 15.47
N ASP B 448 32.90 13.32 14.54
CA ASP B 448 31.84 14.25 14.92
C ASP B 448 30.89 13.60 15.90
N1 PLP C . -11.33 2.17 3.87
C2 PLP C . -12.42 2.52 3.10
C2A PLP C . -13.63 3.16 3.71
C3 PLP C . -12.42 2.30 1.73
O3 PLP C . -13.52 2.67 1.01
C4 PLP C . -11.33 1.72 1.10
C4A PLP C . -11.31 1.66 -0.39
C5 PLP C . -10.22 1.36 1.87
C6 PLP C . -10.23 1.59 3.24
C5A PLP C . -8.98 0.69 1.30
O4P PLP C . -8.29 1.40 0.29
P PLP C . -7.38 0.52 -0.69
O1P PLP C . -8.27 -0.45 -1.43
O2P PLP C . -6.41 -0.32 0.10
O3P PLP C . -6.70 1.45 -1.67
CA KAP D . -15.31 -6.04 -2.11
C KAP D . -15.94 -6.13 -3.48
OI1 KAP D . -16.28 -5.08 -4.07
OI2 KAP D . -16.12 -7.26 -3.97
CB KAP D . -14.47 -4.77 -2.06
CG KAP D . -14.24 -4.17 -0.67
CD KAP D . -14.28 -2.63 -0.77
CE KAP D . -13.51 -2.08 -1.98
CZ KAP D . -12.07 -1.84 -1.53
CH KAP D . -10.85 -2.26 -2.28
CS KAP D . -11.14 -3.02 -3.55
O KAP D . -11.89 -1.29 -0.47
N KAP D . -10.07 -3.08 -1.38
N1 PLP E . 10.50 -5.67 2.39
C2 PLP E . 11.78 -5.36 2.01
C2A PLP E . 12.84 -6.42 2.04
C3 PLP E . 12.08 -4.06 1.61
O3 PLP E . 13.35 -3.75 1.21
C4 PLP E . 11.10 -3.08 1.57
C4A PLP E . 11.33 -1.90 0.67
C5 PLP E . 9.79 -3.43 1.96
C6 PLP E . 9.51 -4.72 2.36
C5A PLP E . 8.66 -2.42 2.00
O4P PLP E . 8.28 -1.95 0.74
P PLP E . 7.44 -0.58 0.64
O1P PLP E . 8.29 0.58 1.09
O2P PLP E . 6.27 -0.68 1.57
O3P PLP E . 7.06 -0.34 -0.81
CA KAP F . 15.42 3.42 6.49
C KAP F . 15.91 4.78 6.06
OI1 KAP F . 16.28 4.96 4.87
OI2 KAP F . 15.92 5.67 6.95
CB KAP F . 15.02 2.65 5.25
CG KAP F . 14.52 1.27 5.65
CD KAP F . 13.16 1.03 5.04
CE KAP F . 13.17 1.34 3.54
CZ KAP F . 11.83 0.88 2.99
CH KAP F . 10.72 1.82 2.62
CS KAP F . 11.20 3.20 2.19
O KAP F . 11.62 -0.30 2.85
N KAP F . 9.85 1.91 3.77
#